data_4I54
#
_entry.id   4I54
#
_cell.length_a   65.324
_cell.length_b   68.775
_cell.length_c   94.443
_cell.angle_alpha   90.00
_cell.angle_beta   90.89
_cell.angle_gamma   90.00
#
_symmetry.space_group_name_H-M   'P 1 21 1'
#
loop_
_entity.id
_entity.type
_entity.pdbx_description
1 polymer 'HIV-1 glycoprotein'
2 non-polymer 'amino({[(1R,2R)-1-({[(4-chloro-3-fluorophenyl)amino](oxo)acetyl}amino)-2,3-dihydro-1H-inden-2-yl]methyl}amino)methanimi nium'
3 non-polymer '4-(2-HYDROXYETHYL)-1-PIPERAZINE ETHANESULFONIC ACID'
4 non-polymer 2-acetamido-2-deoxy-beta-D-glucopyranose
5 water water
#
_entity_poly.entity_id   1
_entity_poly.type   'polypeptide(L)'
_entity_poly.pdbx_seq_one_letter_code
;VWKDADTTLFCASDAKAHETEVHNVWATHACVPTDPNPQEIHLENVTENFNMWKNNMVEQMQEDVISLWDQSLQPCVKLT
GGSVIKQACPKISFDPIPIHYCTPAGYVILKCNDKNFNGTGPCKNVSSVQCTHGIKPVVSTQLLLNGSLAEEEIIIRSEN
LTNNAKTIIVHLNKSVEINCTRPSNGGSGSGGDIRKAYCEINGTKWNKVLKQVTEKLKEHFNNKTIIFQPPSGGDLEITM
HSFNCRGEFFYCNTTQLFNNTCIGNETMKGCNGTITLPCKIKQIINMWQGTGQAMYAPPIDGKINCVSNITGILLTRDGG
ANNTSNETFRPGGGNIKDNWRSELYKYKVVQIE
;
_entity_poly.pdbx_strand_id   A,B
#
loop_
_chem_comp.id
_chem_comp.type
_chem_comp.name
_chem_comp.formula
1C1 non-polymer 'amino({[(1R,2R)-1-({[(4-chloro-3-fluorophenyl)amino](oxo)acetyl}amino)-2,3-dihydro-1H-inden-2-yl]methyl}amino)methanimi nium' 'C19 H20 Cl F N5 O2 1'
EPE non-polymer '4-(2-HYDROXYETHYL)-1-PIPERAZINE ETHANESULFONIC ACID' 'C8 H18 N2 O4 S'
NAG D-saccharide, beta linking 2-acetamido-2-deoxy-beta-D-glucopyranose 'C8 H15 N O6'
#
# COMPACT_ATOMS: atom_id res chain seq x y z
N VAL A 1 30.18 -12.63 21.40
CA VAL A 1 29.24 -13.75 21.29
C VAL A 1 27.97 -13.42 22.06
N TRP A 2 26.84 -13.30 21.36
CA TRP A 2 25.62 -12.91 22.03
C TRP A 2 24.38 -13.67 21.60
N LYS A 3 23.40 -13.73 22.51
CA LYS A 3 22.10 -14.30 22.17
C LYS A 3 21.01 -13.41 22.72
N ASP A 4 19.89 -13.38 22.01
CA ASP A 4 18.66 -12.75 22.47
C ASP A 4 18.44 -13.12 23.93
N ALA A 5 18.14 -12.13 24.76
CA ALA A 5 17.82 -12.41 26.14
C ALA A 5 16.96 -11.30 26.70
N ASP A 6 16.18 -11.65 27.72
CA ASP A 6 15.45 -10.68 28.50
C ASP A 6 16.11 -10.59 29.85
N THR A 7 16.35 -9.36 30.29
CA THR A 7 16.79 -9.14 31.65
C THR A 7 16.07 -7.90 32.17
N THR A 8 16.17 -7.69 33.48
CA THR A 8 15.55 -6.54 34.12
C THR A 8 16.39 -5.32 33.82
N LEU A 9 15.77 -4.30 33.24
CA LEU A 9 16.45 -3.08 32.80
C LEU A 9 16.41 -2.00 33.88
N PHE A 10 17.28 -0.99 33.73
CA PHE A 10 17.20 0.17 34.62
C PHE A 10 16.95 1.44 33.80
N CYS A 11 16.56 2.53 34.45
CA CYS A 11 16.36 3.75 33.67
C CYS A 11 17.34 4.88 33.99
N ALA A 12 17.51 5.81 33.04
CA ALA A 12 18.22 7.04 33.33
C ALA A 12 17.45 8.27 32.82
N SER A 13 17.54 9.38 33.57
CA SER A 13 16.81 10.60 33.24
C SER A 13 17.56 11.86 33.68
N ASP A 14 17.03 13.02 33.28
CA ASP A 14 17.60 14.29 33.70
C ASP A 14 16.64 15.01 34.66
N ALA A 15 15.91 14.21 35.43
CA ALA A 15 14.97 14.70 36.41
C ALA A 15 15.57 15.73 37.39
N LYS A 16 14.82 16.79 37.65
CA LYS A 16 15.24 17.76 38.67
C LYS A 16 14.66 17.40 40.04
N ALA A 17 15.54 17.19 41.01
CA ALA A 17 15.13 16.79 42.35
C ALA A 17 14.21 17.82 43.03
N HIS A 18 14.28 19.07 42.60
CA HIS A 18 13.56 20.15 43.30
C HIS A 18 12.16 20.32 42.74
N GLU A 19 11.93 19.73 41.56
CA GLU A 19 10.67 19.82 40.85
C GLU A 19 9.55 18.99 41.46
N THR A 20 8.36 19.58 41.57
CA THR A 20 7.18 18.85 42.01
C THR A 20 6.41 18.24 40.82
N GLU A 21 6.91 18.47 39.61
CA GLU A 21 6.33 17.81 38.44
C GLU A 21 6.46 16.29 38.63
N VAL A 22 5.35 15.58 38.53
CA VAL A 22 5.28 14.17 38.91
C VAL A 22 6.19 13.19 38.14
N HIS A 23 6.56 13.52 36.91
CA HIS A 23 7.53 12.66 36.22
C HIS A 23 8.92 12.85 36.80
N ASN A 24 9.28 14.11 37.07
CA ASN A 24 10.55 14.43 37.70
C ASN A 24 10.67 13.72 39.06
N VAL A 25 9.63 13.80 39.88
CA VAL A 25 9.65 13.09 41.16
C VAL A 25 9.86 11.59 40.94
N TRP A 26 9.09 10.99 40.04
CA TRP A 26 9.23 9.55 39.77
C TRP A 26 10.68 9.20 39.42
N ALA A 27 11.23 9.84 38.39
CA ALA A 27 12.55 9.53 37.89
C ALA A 27 13.66 9.76 38.93
N THR A 28 13.48 10.81 39.74
CA THR A 28 14.32 11.14 40.87
C THR A 28 14.49 9.97 41.84
N HIS A 29 13.38 9.33 42.16
CA HIS A 29 13.38 8.18 43.06
C HIS A 29 13.72 6.88 42.32
N ALA A 30 13.38 6.80 41.03
CA ALA A 30 13.43 5.53 40.31
C ALA A 30 14.51 5.36 39.21
N CYS A 31 15.14 6.45 38.77
CA CYS A 31 16.15 6.35 37.74
C CYS A 31 17.51 6.90 38.22
N VAL A 32 18.52 6.92 37.35
CA VAL A 32 19.84 7.43 37.72
C VAL A 32 20.20 8.49 36.70
N PRO A 33 21.28 9.26 36.92
CA PRO A 33 21.60 10.27 35.90
C PRO A 33 21.91 9.65 34.54
N THR A 34 21.66 10.42 33.49
CA THR A 34 22.12 10.03 32.15
C THR A 34 23.65 10.02 32.10
N ASP A 35 24.19 9.17 31.23
CA ASP A 35 25.61 9.16 30.93
C ASP A 35 25.89 10.27 29.91
N PRO A 36 26.67 11.28 30.33
CA PRO A 36 26.97 12.47 29.52
C PRO A 36 27.87 12.15 28.33
N ASN A 37 28.49 10.98 28.35
CA ASN A 37 29.29 10.53 27.22
C ASN A 37 28.96 9.10 26.79
N PRO A 38 27.74 8.89 26.27
CA PRO A 38 27.36 7.54 25.89
C PRO A 38 28.22 7.10 24.73
N GLN A 39 28.34 5.79 24.49
CA GLN A 39 29.25 5.30 23.45
C GLN A 39 28.64 4.19 22.59
N GLU A 40 28.25 4.57 21.39
CA GLU A 40 27.66 3.66 20.43
C GLU A 40 28.80 2.98 19.70
N ILE A 41 28.65 1.71 19.41
CA ILE A 41 29.67 0.99 18.66
C ILE A 41 29.03 0.33 17.45
N HIS A 42 29.55 0.66 16.27
CA HIS A 42 28.99 0.13 15.04
C HIS A 42 29.61 -1.22 14.70
N LEU A 43 28.79 -2.14 14.22
CA LEU A 43 29.22 -3.52 14.02
C LEU A 43 29.26 -3.85 12.54
N GLU A 44 30.47 -3.93 11.98
CA GLU A 44 30.62 -4.18 10.56
C GLU A 44 30.29 -5.62 10.20
N ASN A 45 29.60 -5.78 9.06
CA ASN A 45 29.27 -7.09 8.49
C ASN A 45 28.37 -7.95 9.39
N VAL A 46 27.69 -7.34 10.35
CA VAL A 46 26.74 -8.14 11.12
C VAL A 46 25.28 -7.76 10.91
N THR A 47 24.54 -8.75 10.44
CA THR A 47 23.09 -8.71 10.33
C THR A 47 22.46 -9.29 11.58
N GLU A 48 21.46 -8.59 12.12
CA GLU A 48 20.73 -9.04 13.30
C GLU A 48 19.22 -9.00 13.06
N ASN A 49 18.50 -9.99 13.60
CA ASN A 49 17.05 -10.02 13.47
C ASN A 49 16.33 -9.29 14.60
N PHE A 50 15.34 -8.49 14.25
CA PHE A 50 14.57 -7.73 15.25
C PHE A 50 13.08 -8.07 15.18
N ASN A 51 12.40 -7.90 16.30
CA ASN A 51 10.97 -8.09 16.34
C ASN A 51 10.28 -7.17 17.32
N MET A 52 9.93 -5.97 16.85
CA MET A 52 9.25 -4.95 17.66
C MET A 52 7.96 -5.41 18.36
N TRP A 53 7.31 -6.43 17.78
CA TRP A 53 6.04 -6.94 18.28
C TRP A 53 6.21 -7.92 19.44
N LYS A 54 7.43 -8.43 19.61
CA LYS A 54 7.72 -9.34 20.72
C LYS A 54 9.04 -8.92 21.34
N ASN A 55 8.94 -7.98 22.27
CA ASN A 55 10.08 -7.25 22.80
C ASN A 55 9.79 -6.95 24.25
N ASN A 56 10.52 -7.59 25.14
CA ASN A 56 10.25 -7.48 26.57
C ASN A 56 10.49 -6.07 27.10
N MET A 57 11.31 -5.30 26.39
CA MET A 57 11.54 -3.89 26.72
C MET A 57 10.20 -3.18 26.79
N VAL A 58 9.32 -3.53 25.87
CA VAL A 58 8.00 -2.90 25.80
C VAL A 58 7.18 -3.21 27.06
N GLU A 59 7.29 -4.43 27.57
CA GLU A 59 6.58 -4.80 28.78
C GLU A 59 7.19 -4.09 30.01
N GLN A 60 8.50 -3.87 30.01
CA GLN A 60 9.14 -3.19 31.13
C GLN A 60 8.79 -1.68 31.19
N MET A 61 8.73 -1.01 30.04
CA MET A 61 8.39 0.41 30.05
C MET A 61 6.95 0.57 30.53
N GLN A 62 6.09 -0.33 30.06
CA GLN A 62 4.68 -0.30 30.47
C GLN A 62 4.55 -0.41 31.99
N GLU A 63 5.32 -1.32 32.57
CA GLU A 63 5.34 -1.48 34.02
C GLU A 63 5.71 -0.17 34.71
N ASP A 64 6.77 0.45 34.23
CA ASP A 64 7.19 1.78 34.70
C ASP A 64 6.09 2.83 34.58
N VAL A 65 5.46 2.95 33.43
CA VAL A 65 4.44 3.99 33.28
C VAL A 65 3.20 3.69 34.14
N ILE A 66 2.85 2.42 34.32
CA ILE A 66 1.73 2.11 35.19
C ILE A 66 2.07 2.54 36.60
N SER A 67 3.32 2.29 37.00
CA SER A 67 3.80 2.66 38.32
C SER A 67 3.93 4.16 38.52
N LEU A 68 4.38 4.87 37.48
CA LEU A 68 4.41 6.32 37.56
C LEU A 68 2.99 6.86 37.76
N TRP A 69 2.07 6.46 36.88
CA TRP A 69 0.67 6.88 36.99
C TRP A 69 -0.05 6.43 38.27
N ASP A 70 0.27 5.26 38.80
CA ASP A 70 -0.37 4.80 40.04
C ASP A 70 0.00 5.67 41.26
N GLN A 71 1.13 6.35 41.19
CA GLN A 71 1.69 7.05 42.35
C GLN A 71 1.54 8.53 42.21
N SER A 72 1.10 8.97 41.05
CA SER A 72 1.06 10.40 40.78
C SER A 72 -0.31 10.92 40.32
N LEU A 73 -1.11 10.08 39.66
CA LEU A 73 -2.43 10.52 39.19
C LEU A 73 -3.48 9.65 39.79
N GLN A 74 -3.74 9.84 41.06
CA GLN A 74 -4.70 9.03 41.77
C GLN A 74 -6.10 9.64 41.58
N PRO A 75 -7.05 8.83 41.11
CA PRO A 75 -8.41 9.36 40.97
C PRO A 75 -9.05 9.56 42.34
N CYS A 76 -10.18 10.25 42.39
CA CYS A 76 -10.92 10.38 43.64
C CYS A 76 -11.70 9.09 43.85
N VAL A 77 -12.11 8.46 42.76
CA VAL A 77 -12.88 7.23 42.85
C VAL A 77 -12.37 6.21 41.85
N LYS A 78 -11.87 5.07 42.35
CA LYS A 78 -11.29 4.02 41.55
C LYS A 78 -12.23 2.83 41.65
N LEU A 79 -12.62 2.30 40.50
CA LEU A 79 -13.63 1.25 40.44
C LEU A 79 -13.05 0.04 39.73
N THR A 80 -12.09 -0.61 40.37
CA THR A 80 -11.28 -1.65 39.74
C THR A 80 -11.65 -3.07 40.18
N GLY A 81 -12.48 -3.72 39.37
CA GLY A 81 -12.82 -5.13 39.59
C GLY A 81 -13.67 -5.43 40.81
N GLY A 82 -14.94 -4.99 40.77
CA GLY A 82 -15.89 -5.31 41.82
C GLY A 82 -15.75 -4.54 43.12
N SER A 83 -14.75 -3.67 43.20
CA SER A 83 -14.54 -2.85 44.39
C SER A 83 -14.62 -1.35 44.07
N VAL A 84 -14.67 -0.54 45.13
CA VAL A 84 -14.75 0.90 45.00
C VAL A 84 -13.72 1.50 45.93
N ILE A 85 -13.02 2.54 45.48
CA ILE A 85 -11.96 3.14 46.31
C ILE A 85 -12.00 4.68 46.30
N LYS A 86 -12.70 5.25 47.28
CA LYS A 86 -12.66 6.69 47.51
C LYS A 86 -11.32 7.08 48.15
N GLN A 87 -10.63 8.05 47.56
CA GLN A 87 -9.34 8.50 48.07
C GLN A 87 -9.04 9.91 47.58
N ALA A 88 -8.24 10.65 48.36
CA ALA A 88 -7.85 12.02 48.02
C ALA A 88 -7.33 12.13 46.59
N CYS A 89 -7.36 13.34 46.02
CA CYS A 89 -7.06 13.50 44.59
C CYS A 89 -6.70 14.93 44.20
N PRO A 90 -5.59 15.43 44.75
CA PRO A 90 -5.26 16.82 44.47
C PRO A 90 -4.82 16.97 43.03
N LYS A 91 -5.06 18.14 42.49
CA LYS A 91 -4.46 18.54 41.23
C LYS A 91 -2.95 18.50 41.34
N ILE A 92 -2.29 17.95 40.32
CA ILE A 92 -0.82 17.87 40.33
C ILE A 92 -0.23 18.62 39.15
N SER A 93 1.10 18.61 39.09
CA SER A 93 1.84 19.19 37.98
C SER A 93 2.39 18.03 37.14
N PHE A 94 2.30 18.15 35.82
CA PHE A 94 2.35 16.98 34.93
C PHE A 94 2.84 17.37 33.56
N ASP A 95 3.99 16.84 33.21
CA ASP A 95 4.53 17.06 31.88
C ASP A 95 5.68 16.08 31.64
N PRO A 96 5.41 15.03 30.85
CA PRO A 96 6.30 13.90 30.54
C PRO A 96 7.73 14.34 30.23
N ILE A 97 8.72 13.65 30.82
CA ILE A 97 10.13 13.88 30.52
C ILE A 97 10.76 12.64 29.87
N PRO A 98 11.79 12.83 29.04
CA PRO A 98 12.40 11.65 28.38
C PRO A 98 13.02 10.68 29.39
N ILE A 99 12.84 9.38 29.16
CA ILE A 99 13.38 8.34 30.00
C ILE A 99 14.22 7.40 29.14
N HIS A 100 15.45 7.14 29.54
CA HIS A 100 16.31 6.18 28.85
C HIS A 100 16.28 4.79 29.49
N TYR A 101 16.32 3.76 28.65
CA TYR A 101 16.33 2.39 29.16
C TYR A 101 17.65 1.74 28.85
N CYS A 102 18.25 1.15 29.89
CA CYS A 102 19.62 0.68 29.84
C CYS A 102 19.75 -0.68 30.45
N THR A 103 20.78 -1.38 29.99
CA THR A 103 21.07 -2.75 30.34
C THR A 103 22.13 -2.83 31.45
N PRO A 104 22.02 -3.86 32.30
CA PRO A 104 23.02 -4.07 33.36
C PRO A 104 24.22 -4.87 32.82
N ALA A 105 25.26 -5.01 33.64
CA ALA A 105 26.45 -5.75 33.22
C ALA A 105 26.06 -7.12 32.69
N GLY A 106 26.83 -7.60 31.71
CA GLY A 106 26.57 -8.88 31.10
C GLY A 106 25.68 -8.77 29.86
N TYR A 107 25.03 -7.63 29.71
CA TYR A 107 24.10 -7.41 28.59
C TYR A 107 24.45 -6.17 27.78
N VAL A 108 23.79 -6.01 26.64
CA VAL A 108 23.87 -4.77 25.87
C VAL A 108 22.59 -4.59 25.03
N ILE A 109 22.33 -3.38 24.56
CA ILE A 109 21.18 -3.16 23.67
C ILE A 109 21.70 -3.02 22.26
N LEU A 110 21.14 -3.80 21.33
CA LEU A 110 21.46 -3.58 19.93
C LEU A 110 20.42 -2.65 19.31
N LYS A 111 20.88 -1.79 18.42
CA LYS A 111 20.07 -0.72 17.87
C LYS A 111 20.05 -0.88 16.37
N CYS A 112 18.87 -1.05 15.77
CA CYS A 112 18.77 -0.98 14.31
C CYS A 112 18.84 0.43 13.70
N ASN A 113 19.90 0.63 12.93
CA ASN A 113 20.11 1.88 12.21
C ASN A 113 19.68 1.94 10.72
N ASP A 114 19.17 0.84 10.15
CA ASP A 114 18.63 0.87 8.79
C ASP A 114 17.46 1.86 8.72
N LYS A 115 17.51 2.77 7.74
CA LYS A 115 16.62 3.93 7.71
C LYS A 115 15.22 3.70 7.13
N ASN A 116 14.93 2.47 6.70
CA ASN A 116 13.59 2.14 6.24
C ASN A 116 13.06 1.05 7.13
N PHE A 117 13.80 0.76 8.19
CA PHE A 117 13.50 -0.40 9.01
C PHE A 117 12.05 -0.42 9.44
N ASN A 118 11.34 -1.47 9.04
CA ASN A 118 9.92 -1.57 9.39
C ASN A 118 9.66 -2.19 10.77
N GLY A 119 10.73 -2.52 11.51
CA GLY A 119 10.56 -3.05 12.85
C GLY A 119 10.66 -4.55 13.02
N THR A 120 10.53 -5.29 11.92
CA THR A 120 10.70 -6.76 11.91
C THR A 120 11.74 -7.23 10.89
N GLY A 121 12.29 -8.42 11.11
CA GLY A 121 13.25 -9.00 10.18
C GLY A 121 14.70 -8.59 10.40
N PRO A 122 15.53 -8.73 9.37
CA PRO A 122 16.98 -8.44 9.43
C PRO A 122 17.38 -6.98 9.26
N CYS A 123 18.44 -6.60 9.96
CA CYS A 123 18.96 -5.24 9.98
C CYS A 123 20.42 -5.28 9.56
N LYS A 124 20.73 -4.49 8.54
CA LYS A 124 22.09 -4.51 7.99
C LYS A 124 23.05 -3.69 8.86
N ASN A 125 22.70 -2.43 9.09
CA ASN A 125 23.49 -1.54 9.92
C ASN A 125 23.00 -1.60 11.39
N VAL A 126 23.69 -2.42 12.18
CA VAL A 126 23.37 -2.64 13.59
C VAL A 126 24.51 -2.12 14.43
N SER A 127 24.19 -1.41 15.50
CA SER A 127 25.20 -0.99 16.48
C SER A 127 24.79 -1.36 17.89
N SER A 128 25.71 -1.19 18.84
CA SER A 128 25.41 -1.48 20.25
C SER A 128 25.57 -0.26 21.16
N VAL A 129 24.70 -0.18 22.17
CA VAL A 129 24.66 0.97 23.09
C VAL A 129 24.39 0.52 24.53
N GLN A 130 24.67 1.39 25.48
CA GLN A 130 24.32 1.08 26.85
C GLN A 130 22.86 1.45 27.11
N CYS A 131 22.35 2.41 26.34
CA CYS A 131 21.04 2.98 26.62
C CYS A 131 20.32 3.37 25.35
N THR A 132 18.99 3.31 25.38
CA THR A 132 18.16 3.82 24.29
C THR A 132 18.23 5.32 24.40
N HIS A 133 17.75 6.01 23.36
CA HIS A 133 17.51 7.44 23.46
C HIS A 133 16.41 7.68 24.50
N GLY A 134 16.28 8.93 24.95
CA GLY A 134 15.24 9.30 25.89
C GLY A 134 13.82 9.32 25.31
N ILE A 135 12.92 8.57 25.94
CA ILE A 135 11.58 8.39 25.46
C ILE A 135 10.56 8.95 26.43
N LYS A 136 9.74 9.90 25.95
CA LYS A 136 8.70 10.51 26.79
C LYS A 136 7.56 9.52 26.92
N PRO A 137 7.17 9.19 28.15
CA PRO A 137 6.08 8.22 28.28
C PRO A 137 4.72 8.83 27.94
N VAL A 138 4.52 9.28 26.72
CA VAL A 138 3.28 9.96 26.34
C VAL A 138 2.08 9.03 26.11
N VAL A 139 1.10 9.10 27.01
CA VAL A 139 -0.07 8.25 26.90
C VAL A 139 -1.12 8.95 26.06
N SER A 140 -1.48 8.34 24.92
CA SER A 140 -2.54 8.87 24.07
C SER A 140 -3.13 7.80 23.16
N THR A 141 -4.29 8.09 22.55
CA THR A 141 -4.85 7.24 21.50
C THR A 141 -4.94 7.99 20.17
N GLN A 142 -4.96 7.23 19.07
CA GLN A 142 -5.16 7.74 17.71
C GLN A 142 -3.94 8.37 17.08
N LEU A 143 -3.37 9.35 17.77
CA LEU A 143 -2.19 10.07 17.30
C LEU A 143 -1.06 9.90 18.31
N LEU A 144 0.10 9.47 17.84
CA LEU A 144 1.25 9.44 18.71
C LEU A 144 1.84 10.84 18.84
N LEU A 145 2.00 11.28 20.08
CA LEU A 145 2.44 12.64 20.38
C LEU A 145 3.90 12.75 20.88
N ASN A 146 4.64 13.72 20.37
CA ASN A 146 5.96 14.07 20.88
C ASN A 146 6.96 12.90 20.86
N GLY A 147 6.81 11.96 19.93
CA GLY A 147 7.78 10.90 19.74
C GLY A 147 8.89 11.23 18.74
N SER A 148 9.59 10.22 18.28
CA SER A 148 10.65 10.39 17.30
C SER A 148 10.09 10.23 15.89
N LEU A 149 10.77 10.82 14.92
CA LEU A 149 10.37 10.71 13.53
C LEU A 149 11.17 9.67 12.79
N ALA A 150 10.49 8.97 11.88
CA ALA A 150 11.15 8.20 10.83
C ALA A 150 12.13 9.12 10.08
N GLU A 151 13.33 8.60 9.79
CA GLU A 151 14.39 9.45 9.28
C GLU A 151 14.31 9.72 7.77
N GLU A 152 13.69 8.83 7.02
CA GLU A 152 13.63 9.03 5.58
C GLU A 152 12.18 9.10 5.08
N GLU A 153 11.64 7.96 4.72
CA GLU A 153 10.27 7.85 4.28
C GLU A 153 9.35 7.50 5.44
N ILE A 154 8.11 7.96 5.36
CA ILE A 154 7.00 7.45 6.15
C ILE A 154 7.05 5.90 6.19
N ILE A 155 6.90 5.32 7.37
CA ILE A 155 7.05 3.87 7.52
C ILE A 155 5.78 3.23 8.07
N ILE A 156 5.35 2.15 7.44
CA ILE A 156 4.17 1.46 7.92
C ILE A 156 4.58 0.26 8.77
N ARG A 157 4.07 0.19 10.00
CA ARG A 157 4.39 -0.92 10.88
C ARG A 157 3.19 -1.76 11.26
N SER A 158 3.37 -3.07 11.31
CA SER A 158 2.33 -3.97 11.76
C SER A 158 2.93 -5.35 11.93
N GLU A 159 2.55 -6.04 13.00
CA GLU A 159 2.90 -7.44 13.21
C GLU A 159 2.47 -8.35 12.03
N ASN A 160 1.50 -7.91 11.23
CA ASN A 160 0.97 -8.69 10.11
C ASN A 160 -0.12 -7.90 9.39
N LEU A 161 0.23 -7.23 8.30
CA LEU A 161 -0.71 -6.36 7.59
C LEU A 161 -1.93 -7.08 7.01
N THR A 162 -1.75 -8.34 6.62
CA THR A 162 -2.86 -9.06 6.02
C THR A 162 -3.93 -9.31 7.08
N ASN A 163 -3.52 -9.33 8.34
CA ASN A 163 -4.48 -9.50 9.44
C ASN A 163 -5.01 -8.15 9.94
N ASN A 164 -6.31 -7.96 9.84
CA ASN A 164 -6.90 -6.64 10.11
C ASN A 164 -7.23 -6.41 11.57
N ALA A 165 -7.19 -7.47 12.36
CA ALA A 165 -7.29 -7.34 13.80
C ALA A 165 -6.03 -6.70 14.43
N LYS A 166 -4.93 -6.64 13.68
CA LYS A 166 -3.68 -6.13 14.23
C LYS A 166 -3.43 -4.66 13.91
N THR A 167 -3.20 -3.88 14.95
CA THR A 167 -2.99 -2.43 14.83
C THR A 167 -1.87 -2.09 13.89
N ILE A 168 -2.07 -1.00 13.16
CA ILE A 168 -1.04 -0.42 12.32
C ILE A 168 -0.48 0.83 12.99
N ILE A 169 0.85 0.91 13.02
CA ILE A 169 1.52 2.11 13.48
C ILE A 169 2.07 2.80 12.23
N VAL A 170 1.69 4.04 12.01
CA VAL A 170 2.26 4.86 10.94
C VAL A 170 3.31 5.75 11.54
N HIS A 171 4.54 5.63 11.06
CA HIS A 171 5.64 6.45 11.55
C HIS A 171 5.91 7.63 10.58
N LEU A 172 5.50 8.84 10.99
CA LEU A 172 5.74 10.06 10.18
C LEU A 172 7.21 10.42 10.01
N ASN A 173 7.56 11.11 8.92
CA ASN A 173 8.91 11.64 8.71
C ASN A 173 8.97 13.15 8.85
N LYS A 174 7.83 13.75 9.12
CA LYS A 174 7.72 15.19 9.31
C LYS A 174 6.53 15.43 10.23
N SER A 175 6.79 16.05 11.39
CA SER A 175 5.72 16.21 12.35
C SER A 175 4.82 17.40 12.00
N VAL A 176 3.61 17.34 12.55
CA VAL A 176 2.62 18.38 12.37
C VAL A 176 2.10 18.81 13.73
N GLU A 177 2.13 20.12 13.99
CA GLU A 177 1.70 20.60 15.29
C GLU A 177 0.19 20.47 15.51
N ILE A 178 -0.16 20.12 16.72
CA ILE A 178 -1.52 20.18 17.19
C ILE A 178 -1.52 21.04 18.47
N ASN A 179 -2.10 22.23 18.38
CA ASN A 179 -2.20 23.19 19.48
C ASN A 179 -3.55 23.07 20.23
N CYS A 180 -3.51 22.55 21.46
CA CYS A 180 -4.73 22.23 22.24
C CYS A 180 -5.01 23.15 23.44
N THR A 181 -6.25 23.61 23.55
CA THR A 181 -6.55 24.74 24.43
C THR A 181 -7.90 24.68 25.13
N ARG A 182 -7.88 24.76 26.46
CA ARG A 182 -9.08 24.98 27.24
C ARG A 182 -9.00 26.41 27.76
N PRO A 183 -9.66 27.34 27.07
CA PRO A 183 -9.56 28.78 27.38
C PRO A 183 -10.20 29.11 28.70
N SER A 184 -9.61 30.03 29.47
CA SER A 184 -10.24 30.43 30.72
C SER A 184 -11.41 31.38 30.53
N ASN A 185 -12.12 31.65 31.61
CA ASN A 185 -13.22 32.63 31.62
C ASN A 185 -12.79 34.00 31.09
N GLY A 192 -19.31 29.76 32.04
CA GLY A 192 -19.35 28.95 30.83
C GLY A 192 -19.09 27.46 31.06
N ASP A 193 -18.61 26.79 30.02
CA ASP A 193 -18.36 25.34 30.09
C ASP A 193 -16.90 25.13 30.40
N ILE A 194 -16.59 24.86 31.66
CA ILE A 194 -15.20 24.68 32.04
C ILE A 194 -14.57 23.51 31.28
N ARG A 195 -15.39 22.52 30.91
CA ARG A 195 -14.89 21.32 30.22
C ARG A 195 -14.68 21.48 28.71
N LYS A 196 -15.05 22.63 28.16
CA LYS A 196 -15.00 22.77 26.72
C LYS A 196 -13.61 23.15 26.23
N ALA A 197 -13.17 22.52 25.15
CA ALA A 197 -11.86 22.87 24.57
C ALA A 197 -11.85 22.70 23.07
N TYR A 198 -10.72 22.99 22.46
CA TYR A 198 -10.54 22.73 21.03
C TYR A 198 -9.08 22.46 20.74
N CYS A 199 -8.77 21.75 19.65
CA CYS A 199 -7.38 21.70 19.15
C CYS A 199 -7.32 22.27 17.74
N GLU A 200 -6.20 22.92 17.40
CA GLU A 200 -6.05 23.50 16.07
C GLU A 200 -4.87 22.84 15.39
N ILE A 201 -5.03 22.61 14.09
CA ILE A 201 -4.01 21.96 13.29
C ILE A 201 -3.92 22.73 11.96
N ASN A 202 -2.71 23.01 11.48
CA ASN A 202 -2.54 23.59 10.16
C ASN A 202 -2.96 22.59 9.07
N GLY A 203 -4.13 22.79 8.48
CA GLY A 203 -4.71 21.80 7.58
C GLY A 203 -3.98 21.61 6.26
N THR A 204 -3.19 22.59 5.85
CA THR A 204 -2.41 22.43 4.64
C THR A 204 -1.31 21.42 4.90
N LYS A 205 -0.66 21.59 6.06
CA LYS A 205 0.35 20.65 6.51
C LYS A 205 -0.24 19.26 6.66
N TRP A 206 -1.34 19.17 7.40
CA TRP A 206 -1.91 17.86 7.75
C TRP A 206 -2.37 17.06 6.53
N ASN A 207 -3.00 17.74 5.58
CA ASN A 207 -3.50 17.07 4.38
C ASN A 207 -2.37 16.64 3.44
N LYS A 208 -1.26 17.36 3.47
CA LYS A 208 -0.13 16.99 2.63
C LYS A 208 0.51 15.74 3.22
N VAL A 209 0.53 15.64 4.55
CA VAL A 209 1.01 14.44 5.21
C VAL A 209 0.08 13.23 5.01
N LEU A 210 -1.23 13.45 5.12
CA LEU A 210 -2.19 12.34 4.97
C LEU A 210 -2.22 11.87 3.51
N LYS A 211 -1.86 12.76 2.61
CA LYS A 211 -1.67 12.45 1.22
C LYS A 211 -0.54 11.43 1.08
N GLN A 212 0.58 11.71 1.74
CA GLN A 212 1.78 10.89 1.62
C GLN A 212 1.59 9.52 2.26
N VAL A 213 0.79 9.47 3.32
CA VAL A 213 0.50 8.22 4.02
C VAL A 213 -0.34 7.27 3.16
N THR A 214 -1.29 7.84 2.41
CA THR A 214 -2.12 7.06 1.50
C THR A 214 -1.26 6.48 0.42
N GLU A 215 -0.37 7.30 -0.13
CA GLU A 215 0.63 6.84 -1.10
C GLU A 215 1.40 5.63 -0.54
N LYS A 216 1.82 5.74 0.72
CA LYS A 216 2.64 4.70 1.36
C LYS A 216 1.83 3.42 1.56
N LEU A 217 0.60 3.58 2.04
CA LEU A 217 -0.28 2.43 2.24
C LEU A 217 -0.57 1.68 0.96
N LYS A 218 -0.65 2.38 -0.17
CA LYS A 218 -0.86 1.74 -1.48
C LYS A 218 0.29 0.83 -1.89
N GLU A 219 1.48 1.12 -1.40
CA GLU A 219 2.62 0.23 -1.66
C GLU A 219 2.48 -1.09 -0.89
N HIS A 220 1.73 -1.10 0.20
CA HIS A 220 1.59 -2.33 1.01
C HIS A 220 0.29 -3.05 0.74
N PHE A 221 -0.61 -2.35 0.06
CA PHE A 221 -1.93 -2.90 -0.25
C PHE A 221 -2.25 -2.99 -1.74
N ASN A 222 -1.20 -3.26 -2.53
CA ASN A 222 -1.34 -3.54 -3.95
C ASN A 222 -2.00 -2.44 -4.82
N ASN A 223 -1.82 -1.18 -4.43
CA ASN A 223 -2.37 -0.03 -5.17
C ASN A 223 -3.89 0.07 -5.10
N LYS A 224 -4.50 -0.61 -4.15
CA LYS A 224 -5.91 -0.39 -3.88
C LYS A 224 -6.18 1.09 -3.51
N THR A 225 -7.43 1.49 -3.56
CA THR A 225 -7.85 2.81 -3.15
C THR A 225 -7.86 2.94 -1.60
N ILE A 226 -7.20 3.98 -1.10
CA ILE A 226 -7.14 4.17 0.35
C ILE A 226 -8.21 5.13 0.84
N ILE A 227 -9.06 4.63 1.73
CA ILE A 227 -10.12 5.44 2.30
C ILE A 227 -9.96 5.52 3.82
N PHE A 228 -10.07 6.75 4.35
CA PHE A 228 -10.09 6.98 5.80
C PHE A 228 -11.52 7.18 6.31
N GLN A 229 -11.83 6.60 7.46
CA GLN A 229 -13.15 6.79 8.06
C GLN A 229 -13.02 6.99 9.57
N PRO A 230 -14.04 7.63 10.19
CA PRO A 230 -14.04 7.72 11.65
C PRO A 230 -14.26 6.36 12.29
N PRO A 231 -13.82 6.17 13.54
CA PRO A 231 -13.99 4.89 14.22
C PRO A 231 -15.43 4.42 14.20
N SER A 232 -15.63 3.11 14.16
CA SER A 232 -16.97 2.52 14.14
C SER A 232 -17.66 2.70 15.49
N GLY A 233 -17.26 1.90 16.47
CA GLY A 233 -17.78 2.01 17.82
C GLY A 233 -16.64 1.91 18.82
N GLY A 234 -16.91 1.31 19.97
CA GLY A 234 -15.94 1.31 21.06
C GLY A 234 -16.22 2.47 22.02
N ASP A 235 -15.43 2.57 23.08
CA ASP A 235 -15.61 3.61 24.07
C ASP A 235 -14.95 4.93 23.65
N LEU A 236 -15.30 6.00 24.34
CA LEU A 236 -14.82 7.33 23.99
C LEU A 236 -13.29 7.45 23.86
N GLU A 237 -12.55 6.78 24.74
CA GLU A 237 -11.08 6.84 24.67
C GLU A 237 -10.49 6.43 23.31
N ILE A 238 -11.30 5.78 22.48
CA ILE A 238 -10.85 5.20 21.21
C ILE A 238 -11.45 5.89 20.00
N THR A 239 -12.73 6.24 20.11
CA THR A 239 -13.43 6.92 19.02
C THR A 239 -12.91 8.35 18.88
N MET A 240 -12.33 8.86 19.97
CA MET A 240 -11.66 10.16 19.96
C MET A 240 -10.18 10.05 20.27
N HIS A 241 -9.42 11.03 19.79
CA HIS A 241 -8.05 11.22 20.19
C HIS A 241 -8.07 11.65 21.66
N SER A 242 -7.84 10.69 22.54
CA SER A 242 -7.70 11.00 23.95
C SER A 242 -6.23 11.08 24.40
N PHE A 243 -5.98 11.99 25.33
CA PHE A 243 -4.65 12.28 25.85
C PHE A 243 -4.72 13.13 27.11
N ASN A 244 -3.56 13.36 27.72
CA ASN A 244 -3.51 14.12 28.96
C ASN A 244 -2.75 15.43 28.82
N CYS A 245 -3.35 16.52 29.26
CA CYS A 245 -2.74 17.83 29.10
C CYS A 245 -2.70 18.53 30.44
N ARG A 246 -1.50 18.69 31.00
CA ARG A 246 -1.29 19.31 32.31
C ARG A 246 -2.13 18.64 33.39
N GLY A 247 -2.28 17.32 33.29
CA GLY A 247 -3.12 16.58 34.22
C GLY A 247 -4.57 16.43 33.81
N GLU A 248 -5.04 17.21 32.85
CA GLU A 248 -6.42 17.07 32.38
C GLU A 248 -6.54 16.08 31.21
N PHE A 249 -7.49 15.18 31.32
CA PHE A 249 -7.82 14.26 30.24
C PHE A 249 -8.66 14.92 29.16
N PHE A 250 -8.04 15.17 28.00
CA PHE A 250 -8.73 15.76 26.85
C PHE A 250 -9.28 14.68 25.91
N TYR A 251 -10.54 14.82 25.46
CA TYR A 251 -11.11 13.94 24.43
C TYR A 251 -11.49 14.73 23.18
N CYS A 252 -10.81 14.43 22.07
CA CYS A 252 -10.89 15.24 20.86
C CYS A 252 -11.45 14.55 19.60
N ASN A 253 -12.41 15.22 18.94
CA ASN A 253 -13.07 14.66 17.78
C ASN A 253 -12.23 14.88 16.55
N THR A 254 -11.80 13.78 15.93
CA THR A 254 -10.87 13.86 14.82
C THR A 254 -11.54 13.63 13.46
N THR A 255 -12.87 13.71 13.41
CA THR A 255 -13.57 13.48 12.13
C THR A 255 -12.98 14.32 11.02
N GLN A 256 -12.71 15.58 11.30
CA GLN A 256 -12.10 16.46 10.30
C GLN A 256 -10.64 16.10 9.94
N LEU A 257 -9.93 15.43 10.84
CA LEU A 257 -8.62 14.95 10.46
C LEU A 257 -8.71 13.81 9.46
N PHE A 258 -9.81 13.06 9.50
CA PHE A 258 -9.90 11.79 8.77
C PHE A 258 -11.01 11.81 7.72
N ASN A 259 -10.96 12.86 6.92
CA ASN A 259 -11.96 13.23 5.95
C ASN A 259 -11.28 13.26 4.59
N ASN A 260 -11.48 12.19 3.80
CA ASN A 260 -10.73 11.96 2.56
C ASN A 260 -10.83 13.04 1.51
N THR A 261 -11.80 13.94 1.71
CA THR A 261 -12.10 14.98 0.74
C THR A 261 -10.89 15.85 0.41
N CYS A 262 -10.31 16.49 1.42
CA CYS A 262 -9.25 17.47 1.20
C CYS A 262 -7.90 16.85 0.77
N ILE A 263 -7.92 15.63 0.23
CA ILE A 263 -6.72 14.96 -0.25
C ILE A 263 -6.39 15.30 -1.71
N ASN A 272 -7.91 23.17 3.79
CA ASN A 272 -6.72 23.98 3.54
C ASN A 272 -6.38 25.06 4.59
N GLY A 273 -7.33 25.39 5.46
CA GLY A 273 -7.09 26.43 6.46
C GLY A 273 -6.78 25.84 7.82
N THR A 274 -7.03 26.60 8.89
CA THR A 274 -6.89 26.06 10.24
C THR A 274 -8.03 25.11 10.54
N ILE A 275 -7.71 23.91 11.00
CA ILE A 275 -8.73 22.95 11.37
C ILE A 275 -8.96 22.99 12.88
N THR A 276 -10.19 23.23 13.30
CA THR A 276 -10.51 23.28 14.72
C THR A 276 -11.29 22.04 15.17
N LEU A 277 -10.61 21.16 15.88
CA LEU A 277 -11.23 19.97 16.43
C LEU A 277 -11.90 20.35 17.75
N PRO A 278 -13.14 19.90 17.96
CA PRO A 278 -13.70 20.24 19.27
C PRO A 278 -13.32 19.16 20.28
N CYS A 279 -13.09 19.55 21.53
CA CYS A 279 -12.68 18.62 22.57
C CYS A 279 -13.51 18.82 23.81
N LYS A 280 -13.46 17.86 24.73
CA LYS A 280 -14.14 18.00 26.02
C LYS A 280 -13.20 17.36 27.04
N ILE A 281 -13.05 17.99 28.20
CA ILE A 281 -12.26 17.42 29.27
C ILE A 281 -13.17 16.48 30.05
N LYS A 282 -12.68 15.30 30.37
CA LYS A 282 -13.50 14.38 31.14
C LYS A 282 -12.84 14.01 32.45
N GLN A 283 -13.65 13.84 33.47
CA GLN A 283 -13.16 13.39 34.74
C GLN A 283 -13.37 11.88 34.90
N ILE A 284 -14.46 11.37 34.36
CA ILE A 284 -14.68 9.94 34.37
C ILE A 284 -14.14 9.32 33.08
N ILE A 285 -13.26 8.33 33.23
CA ILE A 285 -12.54 7.76 32.10
C ILE A 285 -12.35 6.23 32.26
N ASN A 286 -12.18 5.55 31.12
CA ASN A 286 -11.72 4.16 31.13
C ASN A 286 -10.20 4.11 31.15
N MET A 287 -9.64 3.51 32.20
CA MET A 287 -8.21 3.53 32.41
C MET A 287 -7.43 2.68 31.40
N TRP A 288 -6.37 3.23 30.83
CA TRP A 288 -5.53 2.51 29.89
C TRP A 288 -4.79 1.33 30.53
N GLN A 289 -4.58 1.40 31.84
CA GLN A 289 -3.91 0.32 32.56
C GLN A 289 -4.80 -0.92 32.74
N GLY A 290 -6.07 -0.82 32.38
CA GLY A 290 -6.84 -2.01 32.15
C GLY A 290 -8.00 -2.35 33.04
N THR A 291 -9.17 -2.49 32.42
CA THR A 291 -10.37 -3.05 33.07
C THR A 291 -10.84 -2.28 34.30
N GLY A 292 -11.22 -1.02 34.10
CA GLY A 292 -11.63 -0.19 35.21
C GLY A 292 -11.78 1.28 34.83
N GLN A 293 -12.77 1.92 35.45
CA GLN A 293 -13.00 3.33 35.26
C GLN A 293 -12.57 4.08 36.52
N ALA A 294 -12.11 5.31 36.32
CA ALA A 294 -11.68 6.17 37.43
C ALA A 294 -12.33 7.54 37.29
N MET A 295 -12.64 8.19 38.41
CA MET A 295 -13.10 9.57 38.37
C MET A 295 -12.08 10.55 38.93
N TYR A 296 -11.72 11.54 38.12
CA TYR A 296 -10.77 12.55 38.52
C TYR A 296 -11.47 13.87 38.88
N ALA A 297 -10.69 14.82 39.37
CA ALA A 297 -11.24 16.10 39.81
C ALA A 297 -11.41 17.04 38.61
N PRO A 298 -12.37 17.99 38.70
CA PRO A 298 -12.67 18.98 37.66
C PRO A 298 -11.45 19.82 37.28
N PRO A 299 -11.44 20.40 36.07
CA PRO A 299 -10.23 21.12 35.67
C PRO A 299 -9.84 22.33 36.51
N ILE A 300 -8.54 22.48 36.72
CA ILE A 300 -7.96 23.70 37.28
C ILE A 300 -8.40 24.91 36.47
N ASP A 301 -8.37 26.08 37.10
CA ASP A 301 -8.78 27.32 36.43
C ASP A 301 -7.68 27.78 35.48
N GLY A 302 -8.00 28.77 34.66
CA GLY A 302 -7.03 29.39 33.78
C GLY A 302 -6.95 28.77 32.40
N LYS A 303 -6.09 29.36 31.56
CA LYS A 303 -5.76 28.80 30.26
C LYS A 303 -5.02 27.46 30.47
N ILE A 304 -5.48 26.42 29.75
CA ILE A 304 -4.83 25.12 29.78
C ILE A 304 -4.42 24.80 28.35
N ASN A 305 -3.13 24.55 28.18
CA ASN A 305 -2.58 24.48 26.84
C ASN A 305 -1.47 23.45 26.73
N CYS A 306 -1.57 22.58 25.72
CA CYS A 306 -0.46 21.75 25.25
C CYS A 306 -0.39 21.87 23.74
N VAL A 307 0.83 22.11 23.27
CA VAL A 307 1.14 22.16 21.85
C VAL A 307 1.98 20.91 21.62
N SER A 308 1.59 20.07 20.67
CA SER A 308 2.25 18.78 20.56
C SER A 308 2.63 18.47 19.15
N ASN A 309 3.71 17.70 19.00
CA ASN A 309 4.10 17.18 17.71
C ASN A 309 3.41 15.86 17.46
N ILE A 310 2.58 15.81 16.43
CA ILE A 310 2.02 14.55 15.96
C ILE A 310 3.12 13.84 15.21
N THR A 311 3.51 12.65 15.69
CA THR A 311 4.63 11.92 15.09
C THR A 311 4.30 10.54 14.56
N GLY A 312 3.21 9.97 15.04
CA GLY A 312 2.69 8.75 14.47
C GLY A 312 1.17 8.77 14.40
N ILE A 313 0.60 7.83 13.65
CA ILE A 313 -0.83 7.57 13.66
C ILE A 313 -1.05 6.10 13.94
N LEU A 314 -2.09 5.79 14.73
CA LEU A 314 -2.56 4.41 14.94
C LEU A 314 -3.83 4.09 14.10
N LEU A 315 -3.73 3.05 13.27
CA LEU A 315 -4.83 2.68 12.37
C LEU A 315 -5.28 1.25 12.55
N THR A 316 -6.58 1.05 12.41
CA THR A 316 -7.19 -0.26 12.35
C THR A 316 -7.86 -0.35 10.99
N ARG A 317 -7.56 -1.44 10.26
CA ARG A 317 -8.11 -1.62 8.92
C ARG A 317 -9.41 -2.42 8.94
N ASP A 318 -10.36 -2.00 8.09
CA ASP A 318 -11.66 -2.66 8.00
C ASP A 318 -11.58 -4.09 7.50
N GLY A 319 -12.37 -4.97 8.11
CA GLY A 319 -12.46 -6.33 7.64
C GLY A 319 -13.42 -6.38 6.47
N GLY A 320 -13.41 -7.47 5.73
CA GLY A 320 -14.41 -7.73 4.69
C GLY A 320 -14.38 -6.90 3.42
N ALA A 321 -13.23 -6.33 3.07
CA ALA A 321 -13.07 -5.60 1.82
C ALA A 321 -12.34 -6.39 0.70
N ASN A 322 -12.15 -7.70 0.89
CA ASN A 322 -11.40 -8.50 -0.07
C ASN A 322 -11.92 -8.48 -1.52
N ASN A 323 -13.22 -8.31 -1.73
CA ASN A 323 -13.74 -8.42 -3.08
C ASN A 323 -13.95 -7.08 -3.75
N THR A 324 -13.38 -6.04 -3.16
CA THR A 324 -13.51 -4.70 -3.69
C THR A 324 -12.13 -4.18 -4.01
N SER A 325 -12.08 -2.94 -4.48
CA SER A 325 -10.81 -2.29 -4.76
C SER A 325 -10.49 -1.24 -3.68
N ASN A 326 -11.23 -1.25 -2.57
CA ASN A 326 -10.98 -0.31 -1.46
C ASN A 326 -10.32 -0.95 -0.24
N GLU A 327 -9.48 -0.16 0.44
CA GLU A 327 -9.13 -0.44 1.84
C GLU A 327 -9.55 0.73 2.71
N THR A 328 -10.16 0.42 3.84
CA THR A 328 -10.68 1.44 4.75
C THR A 328 -9.91 1.43 6.06
N PHE A 329 -9.31 2.56 6.39
CA PHE A 329 -8.59 2.72 7.66
C PHE A 329 -9.27 3.69 8.63
N ARG A 330 -9.52 3.22 9.85
CA ARG A 330 -10.05 4.07 10.90
C ARG A 330 -8.97 4.33 11.96
N PRO A 331 -9.00 5.51 12.62
CA PRO A 331 -8.00 5.75 13.67
C PRO A 331 -8.28 4.89 14.91
N GLY A 332 -7.23 4.37 15.54
CA GLY A 332 -7.40 3.50 16.68
C GLY A 332 -6.47 3.75 17.85
N GLY A 333 -6.16 2.69 18.59
CA GLY A 333 -5.34 2.77 19.78
C GLY A 333 -6.09 2.09 20.92
N GLY A 334 -5.66 2.34 22.14
CA GLY A 334 -6.20 1.66 23.30
C GLY A 334 -5.16 0.78 23.97
N ASN A 335 -4.34 0.10 23.16
CA ASN A 335 -3.23 -0.64 23.75
C ASN A 335 -1.96 0.19 23.85
N ILE A 336 -1.72 0.72 25.04
CA ILE A 336 -0.62 1.66 25.24
C ILE A 336 0.76 1.03 24.98
N LYS A 337 0.87 -0.29 25.18
CA LYS A 337 2.06 -1.02 24.76
C LYS A 337 2.50 -0.63 23.34
N ASP A 338 1.56 -0.40 22.45
CA ASP A 338 1.92 0.02 21.09
C ASP A 338 2.54 1.43 20.99
N ASN A 339 2.14 2.35 21.88
CA ASN A 339 2.82 3.63 21.99
C ASN A 339 4.32 3.45 22.25
N TRP A 340 4.67 2.51 23.12
CA TRP A 340 6.09 2.36 23.46
C TRP A 340 6.79 1.57 22.38
N ARG A 341 6.09 0.64 21.73
CA ARG A 341 6.66 -0.05 20.54
C ARG A 341 7.07 0.94 19.46
N SER A 342 6.36 2.07 19.34
CA SER A 342 6.65 3.03 18.29
C SER A 342 7.99 3.74 18.52
N GLU A 343 8.57 3.56 19.69
CA GLU A 343 9.87 4.17 19.97
C GLU A 343 10.91 3.10 20.27
N LEU A 344 10.44 1.93 20.68
CA LEU A 344 11.33 0.86 21.09
C LEU A 344 11.67 -0.11 19.93
N TYR A 345 10.99 0.04 18.78
CA TYR A 345 11.13 -0.87 17.62
C TYR A 345 12.56 -1.09 17.15
N LYS A 346 13.44 -0.14 17.48
CA LYS A 346 14.81 -0.17 16.98
C LYS A 346 15.83 -0.75 17.97
N TYR A 347 15.36 -1.43 19.01
CA TYR A 347 16.27 -2.06 19.96
C TYR A 347 15.86 -3.46 20.42
N LYS A 348 16.85 -4.31 20.67
CA LYS A 348 16.63 -5.62 21.28
C LYS A 348 17.77 -5.93 22.27
N VAL A 349 17.42 -6.51 23.42
CA VAL A 349 18.42 -6.79 24.42
C VAL A 349 19.12 -8.04 23.99
N VAL A 350 20.44 -8.12 24.19
CA VAL A 350 21.16 -9.38 24.02
C VAL A 350 22.11 -9.61 25.19
N GLN A 351 22.37 -10.88 25.46
CA GLN A 351 23.29 -11.24 26.52
C GLN A 351 24.65 -11.53 25.91
N ILE A 352 25.69 -10.91 26.45
CA ILE A 352 27.06 -11.25 26.06
C ILE A 352 27.59 -12.39 26.93
N GLU A 353 28.44 -13.24 26.35
CA GLU A 353 29.18 -14.23 27.13
C GLU A 353 30.65 -14.12 26.78
N VAL B 1 31.61 -5.31 -24.47
CA VAL B 1 31.16 -5.91 -25.72
C VAL B 1 30.00 -6.87 -25.50
N TRP B 2 28.89 -6.62 -26.21
CA TRP B 2 27.69 -7.42 -26.03
C TRP B 2 27.08 -7.83 -27.37
N LYS B 3 26.26 -8.86 -27.33
CA LYS B 3 25.46 -9.26 -28.47
C LYS B 3 24.02 -9.54 -28.05
N ASP B 4 23.10 -9.47 -29.01
CA ASP B 4 21.72 -9.94 -28.80
C ASP B 4 21.76 -11.42 -28.39
N ALA B 5 20.81 -11.83 -27.55
CA ALA B 5 20.78 -13.21 -27.07
C ALA B 5 19.49 -13.57 -26.36
N ASP B 6 19.26 -14.88 -26.19
CA ASP B 6 18.17 -15.40 -25.38
C ASP B 6 18.74 -16.19 -24.20
N THR B 7 17.99 -16.26 -23.11
CA THR B 7 18.38 -17.09 -21.97
C THR B 7 17.23 -17.28 -21.01
N THR B 8 17.40 -18.18 -20.04
CA THR B 8 16.38 -18.42 -19.04
C THR B 8 16.42 -17.34 -17.95
N LEU B 9 15.47 -16.42 -18.00
CA LEU B 9 15.37 -15.35 -17.01
C LEU B 9 14.75 -15.93 -15.76
N PHE B 10 14.85 -15.17 -14.67
CA PHE B 10 14.18 -15.55 -13.43
C PHE B 10 13.37 -14.34 -12.93
N CYS B 11 12.70 -14.50 -11.79
CA CYS B 11 11.73 -13.50 -11.40
C CYS B 11 11.72 -13.17 -9.90
N ALA B 12 11.30 -11.94 -9.59
CA ALA B 12 11.28 -11.44 -8.21
C ALA B 12 10.02 -10.62 -7.92
N SER B 13 9.47 -10.80 -6.72
CA SER B 13 8.29 -10.07 -6.29
C SER B 13 8.41 -9.77 -4.80
N ASP B 14 7.41 -9.09 -4.24
CA ASP B 14 7.39 -8.78 -2.80
C ASP B 14 6.27 -9.55 -2.12
N ALA B 15 6.11 -10.81 -2.52
CA ALA B 15 4.97 -11.62 -2.11
C ALA B 15 4.96 -12.01 -0.65
N LYS B 16 3.78 -12.26 -0.10
CA LYS B 16 3.65 -12.81 1.23
C LYS B 16 3.57 -14.34 1.17
N ALA B 17 4.13 -15.02 2.15
CA ALA B 17 4.29 -16.48 2.10
C ALA B 17 3.21 -17.22 2.90
N HIS B 18 2.29 -16.46 3.45
CA HIS B 18 1.24 -16.99 4.30
C HIS B 18 -0.14 -16.73 3.68
N GLU B 19 -0.13 -16.10 2.51
CA GLU B 19 -1.35 -15.68 1.83
C GLU B 19 -1.96 -16.80 0.98
N THR B 20 -3.28 -16.79 0.87
CA THR B 20 -3.97 -17.75 0.01
C THR B 20 -4.20 -17.20 -1.39
N GLU B 21 -3.92 -15.90 -1.56
CA GLU B 21 -4.06 -15.28 -2.87
C GLU B 21 -3.09 -15.97 -3.82
N VAL B 22 -3.56 -16.30 -5.02
CA VAL B 22 -2.82 -17.24 -5.89
C VAL B 22 -1.61 -16.64 -6.61
N HIS B 23 -1.58 -15.33 -6.83
CA HIS B 23 -0.37 -14.75 -7.41
C HIS B 23 0.72 -14.75 -6.36
N ASN B 24 0.32 -14.58 -5.10
CA ASN B 24 1.24 -14.51 -3.98
C ASN B 24 1.87 -15.86 -3.74
N VAL B 25 1.03 -16.87 -3.55
CA VAL B 25 1.48 -18.24 -3.41
C VAL B 25 2.44 -18.64 -4.53
N TRP B 26 2.04 -18.39 -5.78
CA TRP B 26 2.91 -18.73 -6.91
C TRP B 26 4.28 -18.04 -6.87
N ALA B 27 4.32 -16.76 -6.49
CA ALA B 27 5.58 -16.00 -6.45
C ALA B 27 6.47 -16.39 -5.26
N THR B 28 5.85 -16.94 -4.22
CA THR B 28 6.59 -17.41 -3.05
C THR B 28 7.47 -18.61 -3.40
N HIS B 29 6.91 -19.53 -4.18
CA HIS B 29 7.62 -20.76 -4.48
C HIS B 29 8.34 -20.70 -5.82
N ALA B 30 8.18 -19.60 -6.57
CA ALA B 30 8.78 -19.52 -7.90
C ALA B 30 9.61 -18.26 -8.18
N CYS B 31 9.61 -17.32 -7.23
CA CYS B 31 10.37 -16.08 -7.34
C CYS B 31 11.28 -15.83 -6.12
N VAL B 32 12.16 -14.85 -6.25
CA VAL B 32 13.02 -14.43 -5.15
C VAL B 32 12.53 -13.08 -4.65
N PRO B 33 13.01 -12.64 -3.47
CA PRO B 33 12.77 -11.27 -3.03
C PRO B 33 13.29 -10.25 -4.06
N THR B 34 12.60 -9.11 -4.17
CA THR B 34 13.03 -8.05 -5.07
C THR B 34 14.33 -7.43 -4.57
N ASP B 35 15.05 -6.76 -5.47
CA ASP B 35 16.22 -6.00 -5.07
C ASP B 35 15.76 -4.72 -4.37
N PRO B 36 16.31 -4.44 -3.18
CA PRO B 36 16.00 -3.18 -2.49
C PRO B 36 16.74 -2.01 -3.13
N ASN B 37 17.98 -2.26 -3.55
CA ASN B 37 18.82 -1.21 -4.10
C ASN B 37 19.18 -1.55 -5.53
N PRO B 38 18.26 -1.25 -6.47
CA PRO B 38 18.45 -1.62 -7.88
C PRO B 38 19.31 -0.59 -8.61
N GLN B 39 20.28 -1.10 -9.35
CA GLN B 39 21.32 -0.31 -9.98
C GLN B 39 21.06 -0.10 -11.47
N GLU B 40 20.85 1.15 -11.87
CA GLU B 40 20.70 1.45 -13.29
C GLU B 40 21.94 2.20 -13.76
N ILE B 41 22.50 1.77 -14.89
CA ILE B 41 23.74 2.31 -15.42
C ILE B 41 23.49 2.88 -16.80
N HIS B 42 23.46 4.21 -16.91
CA HIS B 42 23.26 4.84 -18.21
C HIS B 42 24.48 4.57 -19.10
N LEU B 43 24.24 3.90 -20.21
CA LEU B 43 25.32 3.53 -21.13
C LEU B 43 25.62 4.68 -22.08
N GLU B 44 26.73 5.37 -21.83
CA GLU B 44 27.03 6.62 -22.54
C GLU B 44 27.29 6.43 -24.02
N ASN B 45 26.66 7.28 -24.82
CA ASN B 45 26.93 7.36 -26.25
C ASN B 45 26.72 6.05 -27.00
N VAL B 46 25.75 5.25 -26.57
CA VAL B 46 25.42 4.01 -27.28
C VAL B 46 24.04 4.07 -27.95
N THR B 47 23.91 3.38 -29.07
CA THR B 47 22.68 3.39 -29.84
C THR B 47 22.29 1.95 -30.18
N GLU B 48 21.20 1.47 -29.57
CA GLU B 48 20.77 0.10 -29.77
C GLU B 48 19.51 -0.02 -30.62
N ASN B 49 19.44 -1.07 -31.42
CA ASN B 49 18.24 -1.36 -32.19
C ASN B 49 17.28 -2.16 -31.31
N PHE B 50 15.98 -1.88 -31.42
CA PHE B 50 14.98 -2.58 -30.64
C PHE B 50 13.86 -3.16 -31.51
N ASN B 51 13.14 -4.14 -30.99
CA ASN B 51 12.01 -4.76 -31.70
C ASN B 51 11.10 -5.54 -30.74
N MET B 52 9.96 -4.95 -30.40
CA MET B 52 9.06 -5.55 -29.42
C MET B 52 8.27 -6.76 -29.92
N TRP B 53 8.28 -6.98 -31.23
CA TRP B 53 7.44 -8.00 -31.83
C TRP B 53 8.15 -9.34 -31.95
N LYS B 54 9.48 -9.30 -31.83
CA LYS B 54 10.30 -10.51 -31.81
C LYS B 54 11.23 -10.44 -30.61
N ASN B 55 10.62 -10.41 -29.42
CA ASN B 55 11.38 -10.31 -28.18
C ASN B 55 11.08 -11.49 -27.28
N ASN B 56 12.04 -12.42 -27.20
CA ASN B 56 11.85 -13.64 -26.43
C ASN B 56 11.42 -13.43 -24.98
N MET B 57 11.53 -12.21 -24.49
CA MET B 57 11.09 -11.93 -23.13
C MET B 57 9.57 -12.13 -23.00
N VAL B 58 8.84 -11.83 -24.06
CA VAL B 58 7.39 -12.02 -24.08
C VAL B 58 6.95 -13.46 -23.78
N GLU B 59 7.49 -14.44 -24.51
CA GLU B 59 7.19 -15.86 -24.31
C GLU B 59 7.44 -16.33 -22.89
N GLN B 60 8.54 -15.87 -22.32
CA GLN B 60 8.93 -16.26 -20.97
C GLN B 60 7.89 -15.82 -19.93
N MET B 61 7.38 -14.60 -20.05
CA MET B 61 6.28 -14.18 -19.20
C MET B 61 5.02 -15.00 -19.48
N GLN B 62 4.72 -15.19 -20.76
CA GLN B 62 3.59 -16.02 -21.17
C GLN B 62 3.62 -17.39 -20.49
N GLU B 63 4.80 -18.02 -20.50
CA GLU B 63 4.94 -19.33 -19.88
C GLU B 63 4.69 -19.31 -18.36
N ASP B 64 5.15 -18.27 -17.67
CA ASP B 64 4.84 -18.14 -16.24
C ASP B 64 3.33 -17.98 -15.98
N VAL B 65 2.72 -17.02 -16.64
CA VAL B 65 1.29 -16.80 -16.48
C VAL B 65 0.46 -18.03 -16.83
N ILE B 66 0.85 -18.74 -17.88
CA ILE B 66 0.14 -19.97 -18.24
C ILE B 66 0.22 -20.98 -17.10
N SER B 67 1.40 -21.06 -16.50
CA SER B 67 1.59 -21.97 -15.39
C SER B 67 0.72 -21.61 -14.18
N LEU B 68 0.82 -20.36 -13.71
CA LEU B 68 0.03 -19.89 -12.57
C LEU B 68 -1.47 -20.13 -12.77
N TRP B 69 -1.97 -19.80 -13.95
CA TRP B 69 -3.37 -20.06 -14.27
C TRP B 69 -3.69 -21.55 -14.24
N ASP B 70 -2.80 -22.35 -14.80
CA ASP B 70 -2.99 -23.79 -14.84
C ASP B 70 -3.03 -24.41 -13.45
N GLN B 71 -2.21 -23.89 -12.53
CA GLN B 71 -2.15 -24.43 -11.18
C GLN B 71 -3.37 -24.09 -10.31
N SER B 72 -3.81 -22.83 -10.35
CA SER B 72 -4.83 -22.40 -9.40
C SER B 72 -6.07 -21.73 -9.99
N LEU B 73 -6.27 -21.88 -11.29
CA LEU B 73 -7.50 -21.40 -11.92
C LEU B 73 -8.12 -22.48 -12.81
N GLN B 74 -8.08 -23.71 -12.31
CA GLN B 74 -8.59 -24.86 -13.04
C GLN B 74 -10.11 -24.83 -12.99
N PRO B 75 -10.75 -25.21 -14.10
CA PRO B 75 -12.22 -25.17 -14.24
C PRO B 75 -12.90 -26.48 -13.85
N CYS B 76 -14.23 -26.48 -13.84
CA CYS B 76 -15.02 -27.68 -13.54
C CYS B 76 -14.93 -28.68 -14.66
N VAL B 77 -15.14 -28.20 -15.88
CA VAL B 77 -15.05 -29.05 -17.05
C VAL B 77 -14.03 -28.47 -18.03
N LYS B 78 -13.18 -29.32 -18.58
CA LYS B 78 -12.16 -28.89 -19.52
C LYS B 78 -12.42 -29.62 -20.82
N LEU B 79 -12.64 -28.86 -21.88
CA LEU B 79 -12.98 -29.41 -23.19
C LEU B 79 -11.83 -29.19 -24.17
N THR B 80 -10.75 -29.94 -23.98
CA THR B 80 -9.52 -29.75 -24.75
C THR B 80 -8.85 -31.08 -25.14
N GLY B 81 -8.39 -31.16 -26.39
CA GLY B 81 -7.74 -32.36 -26.90
C GLY B 81 -8.72 -33.45 -27.30
N GLY B 82 -9.99 -33.26 -26.96
CA GLY B 82 -11.03 -34.25 -27.24
C GLY B 82 -11.59 -34.87 -25.97
N SER B 83 -11.03 -34.47 -24.83
CA SER B 83 -11.44 -35.05 -23.55
C SER B 83 -12.44 -34.18 -22.79
N VAL B 84 -13.07 -34.78 -21.79
CA VAL B 84 -13.87 -34.05 -20.82
C VAL B 84 -13.34 -34.40 -19.44
N ILE B 85 -13.07 -33.38 -18.64
CA ILE B 85 -12.52 -33.61 -17.30
C ILE B 85 -13.34 -32.85 -16.26
N LYS B 86 -14.10 -33.57 -15.43
CA LYS B 86 -14.94 -32.91 -14.43
C LYS B 86 -14.27 -32.75 -13.07
N GLN B 87 -13.36 -31.77 -12.96
CA GLN B 87 -12.64 -31.49 -11.73
C GLN B 87 -13.45 -30.61 -10.80
N ALA B 88 -12.89 -30.33 -9.63
CA ALA B 88 -13.55 -29.44 -8.67
C ALA B 88 -13.06 -27.99 -8.82
N CYS B 89 -13.97 -27.04 -8.67
CA CYS B 89 -13.63 -25.62 -8.81
C CYS B 89 -13.89 -24.83 -7.54
N PRO B 90 -12.93 -24.87 -6.61
CA PRO B 90 -13.06 -23.97 -5.47
C PRO B 90 -12.77 -22.55 -5.94
N LYS B 91 -13.56 -21.60 -5.48
CA LYS B 91 -13.27 -20.19 -5.76
C LYS B 91 -11.92 -19.86 -5.12
N ILE B 92 -11.24 -18.88 -5.67
CA ILE B 92 -9.90 -18.56 -5.20
C ILE B 92 -9.81 -17.08 -4.86
N SER B 93 -8.78 -16.73 -4.08
CA SER B 93 -8.44 -15.34 -3.87
C SER B 93 -7.52 -14.90 -5.01
N PHE B 94 -7.92 -13.85 -5.72
CA PHE B 94 -7.27 -13.53 -6.99
C PHE B 94 -7.03 -12.02 -7.19
N ASP B 95 -5.76 -11.65 -7.21
CA ASP B 95 -5.37 -10.28 -7.44
C ASP B 95 -3.90 -10.18 -7.86
N PRO B 96 -3.65 -9.75 -9.10
CA PRO B 96 -2.28 -9.78 -9.63
C PRO B 96 -1.34 -8.84 -8.89
N ILE B 97 -0.12 -9.31 -8.60
CA ILE B 97 0.88 -8.45 -7.98
C ILE B 97 1.99 -8.21 -8.99
N PRO B 98 2.83 -7.19 -8.77
CA PRO B 98 3.92 -6.98 -9.74
C PRO B 98 4.97 -8.10 -9.67
N ILE B 99 5.45 -8.54 -10.84
CA ILE B 99 6.51 -9.53 -11.00
C ILE B 99 7.63 -8.85 -11.81
N HIS B 100 8.88 -9.06 -11.40
CA HIS B 100 10.02 -8.43 -12.07
C HIS B 100 10.79 -9.48 -12.84
N TYR B 101 11.29 -9.13 -14.03
CA TYR B 101 12.07 -10.10 -14.80
C TYR B 101 13.56 -9.78 -14.84
N CYS B 102 14.35 -10.78 -14.44
CA CYS B 102 15.74 -10.59 -14.10
C CYS B 102 16.63 -11.51 -14.93
N THR B 103 17.74 -10.96 -15.44
CA THR B 103 18.71 -11.77 -16.14
C THR B 103 19.59 -12.48 -15.12
N PRO B 104 20.23 -13.59 -15.54
CA PRO B 104 21.28 -14.26 -14.77
C PRO B 104 22.67 -13.67 -15.05
N ALA B 105 23.70 -14.31 -14.50
CA ALA B 105 25.08 -13.83 -14.64
C ALA B 105 25.51 -13.87 -16.09
N GLY B 106 26.30 -12.89 -16.51
CA GLY B 106 26.76 -12.85 -17.89
C GLY B 106 25.76 -12.29 -18.86
N TYR B 107 24.56 -11.96 -18.37
CA TYR B 107 23.55 -11.27 -19.17
C TYR B 107 23.03 -10.05 -18.41
N VAL B 108 22.62 -9.04 -19.16
CA VAL B 108 22.02 -7.85 -18.55
C VAL B 108 20.93 -7.27 -19.47
N ILE B 109 19.87 -6.71 -18.87
CA ILE B 109 18.79 -6.15 -19.68
C ILE B 109 19.09 -4.72 -20.10
N LEU B 110 18.93 -4.45 -21.40
CA LEU B 110 19.06 -3.10 -21.89
C LEU B 110 17.69 -2.44 -21.89
N LYS B 111 17.65 -1.18 -21.49
CA LYS B 111 16.41 -0.44 -21.36
C LYS B 111 16.41 0.78 -22.29
N CYS B 112 15.42 0.87 -23.17
CA CYS B 112 15.24 2.06 -23.99
C CYS B 112 14.52 3.15 -23.17
N ASN B 113 15.00 4.38 -23.27
CA ASN B 113 14.46 5.49 -22.47
C ASN B 113 13.92 6.69 -23.28
N ASP B 114 13.69 6.50 -24.57
CA ASP B 114 13.10 7.56 -25.40
C ASP B 114 11.63 7.77 -25.07
N LYS B 115 11.29 8.94 -24.52
CA LYS B 115 9.91 9.26 -24.13
C LYS B 115 8.83 8.98 -25.20
N ASN B 116 9.13 9.24 -26.46
CA ASN B 116 8.22 8.88 -27.55
C ASN B 116 8.75 7.74 -28.43
N PHE B 117 8.90 6.57 -27.83
CA PHE B 117 9.47 5.39 -28.49
C PHE B 117 8.41 4.45 -29.03
N ASN B 118 8.42 4.22 -30.34
CA ASN B 118 7.42 3.36 -30.99
C ASN B 118 7.51 1.88 -30.62
N GLY B 119 8.70 1.42 -30.24
CA GLY B 119 8.90 0.01 -29.95
C GLY B 119 9.77 -0.70 -30.97
N THR B 120 9.87 -0.12 -32.18
CA THR B 120 10.79 -0.65 -33.19
C THR B 120 11.82 0.43 -33.53
N GLY B 121 12.77 0.10 -34.41
CA GLY B 121 13.83 1.03 -34.76
C GLY B 121 14.86 1.18 -33.64
N PRO B 122 15.82 2.11 -33.82
CA PRO B 122 16.92 2.39 -32.89
C PRO B 122 16.49 3.15 -31.64
N CYS B 123 17.44 3.55 -30.80
CA CYS B 123 17.14 4.16 -29.50
C CYS B 123 18.37 4.82 -28.85
N LYS B 124 18.17 6.02 -28.30
CA LYS B 124 19.27 6.85 -27.79
C LYS B 124 19.66 6.54 -26.34
N ASN B 125 18.93 7.09 -25.38
CA ASN B 125 19.18 6.82 -23.96
C ASN B 125 19.10 5.32 -23.69
N VAL B 126 20.22 4.62 -23.81
CA VAL B 126 20.22 3.23 -23.42
C VAL B 126 20.85 3.05 -22.05
N SER B 127 20.13 2.35 -21.18
CA SER B 127 20.65 2.03 -19.86
C SER B 127 20.74 0.52 -19.70
N SER B 128 21.56 0.07 -18.76
CA SER B 128 21.63 -1.34 -18.43
C SER B 128 20.97 -1.55 -17.07
N VAL B 129 20.14 -2.60 -16.97
CA VAL B 129 19.52 -2.97 -15.70
C VAL B 129 19.51 -4.49 -15.49
N GLN B 130 19.54 -4.91 -14.23
CA GLN B 130 19.44 -6.34 -13.93
C GLN B 130 18.03 -6.85 -14.13
N CYS B 131 17.05 -6.06 -13.69
CA CYS B 131 15.67 -6.49 -13.61
C CYS B 131 14.73 -5.49 -14.29
N THR B 132 13.58 -5.96 -14.74
CA THR B 132 12.55 -5.06 -15.28
C THR B 132 11.76 -4.40 -14.14
N HIS B 133 10.92 -3.43 -14.47
CA HIS B 133 10.00 -2.88 -13.49
C HIS B 133 8.91 -3.93 -13.12
N GLY B 134 8.20 -3.68 -12.03
CA GLY B 134 7.16 -4.59 -11.57
C GLY B 134 5.95 -4.60 -12.51
N ILE B 135 5.57 -5.78 -12.99
CA ILE B 135 4.54 -5.90 -14.01
C ILE B 135 3.45 -6.84 -13.56
N LYS B 136 2.23 -6.36 -13.46
CA LYS B 136 1.09 -7.23 -13.13
C LYS B 136 0.66 -8.06 -14.33
N PRO B 137 0.53 -9.39 -14.14
CA PRO B 137 0.16 -10.33 -15.21
C PRO B 137 -1.36 -10.33 -15.43
N VAL B 138 -1.85 -9.19 -15.91
CA VAL B 138 -3.29 -8.93 -16.03
C VAL B 138 -3.80 -9.36 -17.39
N VAL B 139 -4.71 -10.31 -17.36
CA VAL B 139 -5.23 -10.93 -18.55
C VAL B 139 -6.53 -10.28 -18.94
N SER B 140 -6.54 -9.55 -20.05
CA SER B 140 -7.79 -8.98 -20.53
C SER B 140 -7.80 -8.86 -22.06
N THR B 141 -8.93 -8.45 -22.61
CA THR B 141 -8.99 -8.11 -24.01
C THR B 141 -9.39 -6.65 -24.17
N GLN B 142 -9.08 -6.06 -25.33
CA GLN B 142 -9.50 -4.70 -25.69
C GLN B 142 -8.85 -3.56 -24.87
N LEU B 143 -9.08 -3.54 -23.56
CA LEU B 143 -8.44 -2.55 -22.69
C LEU B 143 -7.31 -3.17 -21.83
N LEU B 144 -6.14 -2.55 -21.88
CA LEU B 144 -5.05 -2.89 -20.95
C LEU B 144 -5.32 -2.26 -19.58
N LEU B 145 -5.18 -3.07 -18.54
CA LEU B 145 -5.56 -2.61 -17.20
C LEU B 145 -4.42 -2.66 -16.19
N ASN B 146 -4.34 -1.61 -15.36
CA ASN B 146 -3.33 -1.47 -14.31
C ASN B 146 -1.89 -1.55 -14.81
N GLY B 147 -1.59 -0.96 -15.97
CA GLY B 147 -0.24 -1.02 -16.50
C GLY B 147 0.51 0.30 -16.42
N SER B 148 1.39 0.53 -17.38
CA SER B 148 2.31 1.67 -17.35
C SER B 148 2.03 2.65 -18.49
N LEU B 149 1.92 3.92 -18.17
CA LEU B 149 1.57 4.94 -19.16
C LEU B 149 2.80 5.43 -19.89
N ALA B 150 2.59 6.01 -21.06
CA ALA B 150 3.68 6.60 -21.84
C ALA B 150 4.18 7.86 -21.16
N GLU B 151 5.49 7.99 -21.06
CA GLU B 151 6.09 9.13 -20.35
C GLU B 151 6.12 10.41 -21.18
N GLU B 152 5.13 10.60 -22.06
CA GLU B 152 5.03 11.81 -22.87
C GLU B 152 3.72 11.83 -23.65
N GLU B 153 3.80 11.69 -24.97
CA GLU B 153 2.61 11.69 -25.79
C GLU B 153 2.05 10.28 -25.94
N ILE B 154 0.76 10.18 -26.28
CA ILE B 154 0.15 8.91 -26.64
C ILE B 154 0.98 8.26 -27.72
N ILE B 155 1.37 7.00 -27.52
CA ILE B 155 2.27 6.32 -28.44
C ILE B 155 1.56 5.19 -29.18
N ILE B 156 1.89 5.04 -30.46
CA ILE B 156 1.28 4.04 -31.31
C ILE B 156 2.25 2.93 -31.64
N ARG B 157 1.82 1.69 -31.40
CA ARG B 157 2.69 0.53 -31.60
C ARG B 157 2.16 -0.49 -32.61
N SER B 158 3.02 -0.92 -33.52
CA SER B 158 2.69 -2.02 -34.43
C SER B 158 3.95 -2.55 -35.08
N GLU B 159 3.89 -3.82 -35.49
CA GLU B 159 5.00 -4.45 -36.18
C GLU B 159 4.94 -4.04 -37.64
N ASN B 160 3.73 -3.78 -38.12
CA ASN B 160 3.51 -3.21 -39.44
C ASN B 160 2.17 -2.49 -39.46
N LEU B 161 2.21 -1.16 -39.45
CA LEU B 161 0.99 -0.37 -39.45
C LEU B 161 0.36 -0.31 -40.85
N THR B 162 1.04 -0.91 -41.82
CA THR B 162 0.48 -1.06 -43.14
C THR B 162 -0.30 -2.37 -43.20
N ASN B 163 0.23 -3.39 -42.53
CA ASN B 163 -0.46 -4.67 -42.42
C ASN B 163 -1.63 -4.58 -41.43
N ASN B 164 -2.84 -4.48 -41.98
CA ASN B 164 -4.05 -4.42 -41.18
C ASN B 164 -4.29 -5.69 -40.36
N ALA B 165 -3.61 -6.78 -40.72
CA ALA B 165 -3.74 -8.04 -39.98
C ALA B 165 -2.96 -8.04 -38.67
N LYS B 166 -1.95 -7.18 -38.58
CA LYS B 166 -1.12 -7.09 -37.39
C LYS B 166 -1.71 -6.10 -36.37
N THR B 167 -1.82 -6.54 -35.12
CA THR B 167 -2.48 -5.79 -34.05
C THR B 167 -1.84 -4.42 -33.77
N ILE B 168 -2.67 -3.48 -33.32
CA ILE B 168 -2.18 -2.17 -32.87
C ILE B 168 -2.31 -2.03 -31.35
N ILE B 169 -1.20 -1.66 -30.71
CA ILE B 169 -1.23 -1.34 -29.29
C ILE B 169 -1.15 0.17 -29.11
N VAL B 170 -2.23 0.74 -28.57
CA VAL B 170 -2.25 2.16 -28.25
C VAL B 170 -1.75 2.30 -26.83
N HIS B 171 -0.75 3.16 -26.64
CA HIS B 171 -0.24 3.44 -25.30
C HIS B 171 -0.76 4.79 -24.81
N LEU B 172 -1.65 4.75 -23.82
CA LEU B 172 -2.15 5.99 -23.22
C LEU B 172 -1.05 6.72 -22.46
N ASN B 173 -1.19 8.04 -22.36
CA ASN B 173 -0.26 8.85 -21.56
C ASN B 173 -0.86 9.28 -20.22
N LYS B 174 -2.20 9.36 -20.18
CA LYS B 174 -2.96 9.52 -18.93
C LYS B 174 -4.05 8.43 -18.90
N SER B 175 -4.47 8.02 -17.71
CA SER B 175 -5.31 6.82 -17.62
C SER B 175 -6.74 7.00 -17.10
N VAL B 176 -7.70 6.64 -17.94
CA VAL B 176 -9.11 6.66 -17.56
C VAL B 176 -9.42 5.50 -16.62
N GLU B 177 -10.00 5.81 -15.47
CA GLU B 177 -10.44 4.82 -14.49
C GLU B 177 -11.64 4.00 -14.97
N ILE B 178 -11.58 2.68 -14.83
CA ILE B 178 -12.77 1.87 -15.07
C ILE B 178 -13.23 1.23 -13.79
N ASN B 179 -14.50 1.42 -13.48
CA ASN B 179 -15.08 0.93 -12.26
C ASN B 179 -16.13 -0.14 -12.55
N CYS B 180 -15.88 -1.39 -12.15
CA CYS B 180 -16.79 -2.47 -12.48
C CYS B 180 -17.38 -3.15 -11.24
N THR B 181 -18.70 -3.28 -11.22
CA THR B 181 -19.37 -3.88 -10.08
C THR B 181 -20.46 -4.88 -10.47
N ARG B 182 -20.46 -6.00 -9.76
CA ARG B 182 -21.60 -6.89 -9.66
C ARG B 182 -22.12 -6.72 -8.24
N PRO B 183 -23.16 -5.88 -8.06
CA PRO B 183 -23.74 -5.60 -6.74
C PRO B 183 -24.26 -6.87 -6.06
N SER B 184 -24.30 -6.86 -4.73
CA SER B 184 -24.83 -8.00 -3.98
C SER B 184 -26.33 -8.11 -4.22
N ASN B 185 -26.91 -9.26 -3.87
CA ASN B 185 -28.29 -9.55 -4.21
C ASN B 185 -29.30 -8.50 -3.74
N GLY B 192 -33.36 -11.32 -9.44
CA GLY B 192 -32.11 -10.59 -9.52
C GLY B 192 -31.04 -11.40 -10.23
N ASP B 193 -30.55 -10.88 -11.36
CA ASP B 193 -29.61 -11.62 -12.18
C ASP B 193 -28.21 -11.54 -11.60
N ILE B 194 -27.72 -12.66 -11.10
CA ILE B 194 -26.43 -12.71 -10.43
C ILE B 194 -25.26 -12.53 -11.40
N ARG B 195 -25.51 -12.76 -12.69
CA ARG B 195 -24.46 -12.59 -13.69
C ARG B 195 -24.44 -11.20 -14.31
N LYS B 196 -25.41 -10.37 -13.93
CA LYS B 196 -25.44 -9.00 -14.41
C LYS B 196 -24.57 -8.11 -13.55
N ALA B 197 -23.64 -7.42 -14.22
CA ALA B 197 -22.78 -6.49 -13.56
C ALA B 197 -22.71 -5.34 -14.52
N TYR B 198 -21.95 -4.31 -14.14
CA TYR B 198 -21.89 -3.08 -14.92
C TYR B 198 -20.58 -2.37 -14.64
N CYS B 199 -20.07 -1.69 -15.67
CA CYS B 199 -18.83 -0.94 -15.55
C CYS B 199 -19.12 0.53 -15.82
N GLU B 200 -18.77 1.41 -14.88
CA GLU B 200 -18.97 2.84 -15.13
C GLU B 200 -17.69 3.60 -15.44
N ILE B 201 -17.82 4.71 -16.17
CA ILE B 201 -16.67 5.50 -16.65
C ILE B 201 -17.03 6.98 -16.85
N ASN B 202 -16.21 7.89 -16.32
CA ASN B 202 -16.37 9.32 -16.60
C ASN B 202 -16.24 9.58 -18.10
N GLY B 203 -17.36 9.92 -18.73
CA GLY B 203 -17.44 10.07 -20.17
C GLY B 203 -16.67 11.25 -20.71
N THR B 204 -16.50 12.28 -19.89
CA THR B 204 -15.72 13.44 -20.28
C THR B 204 -14.25 13.02 -20.43
N LYS B 205 -13.67 12.50 -19.36
CA LYS B 205 -12.31 11.97 -19.36
C LYS B 205 -12.04 11.00 -20.52
N TRP B 206 -12.90 10.00 -20.65
CA TRP B 206 -12.73 8.98 -21.66
C TRP B 206 -12.76 9.56 -23.06
N ASN B 207 -13.70 10.47 -23.30
CA ASN B 207 -13.86 11.05 -24.64
C ASN B 207 -12.69 11.95 -25.01
N LYS B 208 -12.18 12.69 -24.03
CA LYS B 208 -11.00 13.53 -24.22
C LYS B 208 -9.88 12.64 -24.71
N VAL B 209 -9.69 11.54 -23.98
CA VAL B 209 -8.67 10.57 -24.32
C VAL B 209 -8.91 9.95 -25.70
N LEU B 210 -10.13 9.48 -25.95
CA LEU B 210 -10.38 8.77 -27.21
C LEU B 210 -10.20 9.67 -28.40
N LYS B 211 -10.56 10.93 -28.24
CA LYS B 211 -10.30 11.92 -29.26
C LYS B 211 -8.79 12.11 -29.42
N GLN B 212 -8.08 12.25 -28.30
CA GLN B 212 -6.62 12.42 -28.32
C GLN B 212 -5.94 11.27 -29.05
N VAL B 213 -6.47 10.08 -28.85
CA VAL B 213 -6.10 8.89 -29.60
C VAL B 213 -6.20 9.12 -31.11
N THR B 214 -7.35 9.63 -31.54
CA THR B 214 -7.62 9.83 -32.97
C THR B 214 -6.65 10.82 -33.62
N GLU B 215 -6.29 11.87 -32.88
CA GLU B 215 -5.33 12.86 -33.40
C GLU B 215 -3.96 12.24 -33.64
N LYS B 216 -3.56 11.32 -32.75
CA LYS B 216 -2.30 10.62 -32.91
C LYS B 216 -2.42 9.63 -34.06
N LEU B 217 -3.60 9.04 -34.24
CA LEU B 217 -3.80 8.12 -35.35
C LEU B 217 -3.84 8.88 -36.65
N LYS B 218 -4.26 10.13 -36.57
CA LYS B 218 -4.38 11.00 -37.75
C LYS B 218 -3.00 11.34 -38.31
N GLU B 219 -2.06 11.66 -37.43
CA GLU B 219 -0.72 12.04 -37.88
C GLU B 219 0.08 10.89 -38.49
N HIS B 220 -0.38 9.66 -38.27
CA HIS B 220 0.27 8.48 -38.86
C HIS B 220 -0.34 8.11 -40.21
N PHE B 221 -1.66 8.23 -40.31
CA PHE B 221 -2.37 7.82 -41.52
C PHE B 221 -2.66 9.00 -42.45
N ASN B 222 -1.64 9.79 -42.76
CA ASN B 222 -1.73 10.83 -43.79
C ASN B 222 -2.89 11.81 -43.62
N ASN B 223 -3.20 12.12 -42.36
CA ASN B 223 -4.29 13.04 -42.02
C ASN B 223 -5.66 12.64 -42.58
N LYS B 224 -5.83 11.34 -42.88
CA LYS B 224 -7.11 10.83 -43.39
C LYS B 224 -8.18 10.76 -42.31
N THR B 225 -9.17 9.90 -42.51
CA THR B 225 -10.25 9.74 -41.54
C THR B 225 -9.99 8.60 -40.57
N ILE B 226 -10.52 8.75 -39.35
CA ILE B 226 -10.31 7.78 -38.28
C ILE B 226 -11.66 7.40 -37.67
N ILE B 227 -12.20 6.25 -38.06
CA ILE B 227 -13.51 5.80 -37.56
C ILE B 227 -13.43 4.68 -36.52
N PHE B 228 -14.14 4.86 -35.42
CA PHE B 228 -14.19 3.85 -34.35
C PHE B 228 -15.54 3.15 -34.32
N GLN B 229 -15.56 1.88 -34.73
CA GLN B 229 -16.78 1.08 -34.64
C GLN B 229 -16.53 -0.21 -33.86
N PRO B 230 -17.58 -0.75 -33.22
CA PRO B 230 -17.55 -2.05 -32.55
C PRO B 230 -17.05 -3.16 -33.48
N PRO B 231 -16.50 -4.25 -32.91
CA PRO B 231 -15.88 -5.34 -33.66
C PRO B 231 -16.78 -5.95 -34.74
N SER B 232 -16.16 -6.45 -35.81
CA SER B 232 -16.88 -7.14 -36.88
C SER B 232 -17.60 -8.36 -36.34
N GLY B 233 -16.90 -9.09 -35.47
CA GLY B 233 -17.41 -10.31 -34.89
C GLY B 233 -16.30 -11.15 -34.32
N GLY B 234 -16.65 -12.31 -33.77
CA GLY B 234 -15.69 -13.22 -33.19
C GLY B 234 -16.33 -13.88 -31.98
N ASP B 235 -15.54 -14.69 -31.27
CA ASP B 235 -15.97 -15.17 -29.97
C ASP B 235 -16.20 -13.99 -29.04
N LEU B 236 -16.92 -14.21 -27.95
CA LEU B 236 -17.30 -13.12 -27.04
C LEU B 236 -16.10 -12.46 -26.39
N GLU B 237 -15.01 -13.21 -26.25
CA GLU B 237 -13.83 -12.68 -25.57
C GLU B 237 -13.10 -11.58 -26.36
N ILE B 238 -13.53 -11.33 -27.59
CA ILE B 238 -12.82 -10.41 -28.47
C ILE B 238 -13.71 -9.22 -28.77
N THR B 239 -15.01 -9.46 -28.70
CA THR B 239 -16.01 -8.46 -29.06
C THR B 239 -16.45 -7.67 -27.83
N MET B 240 -16.33 -8.30 -26.67
CA MET B 240 -16.53 -7.60 -25.40
C MET B 240 -15.19 -7.49 -24.67
N HIS B 241 -15.07 -6.49 -23.81
CA HIS B 241 -13.90 -6.34 -22.95
C HIS B 241 -14.01 -7.43 -21.90
N SER B 242 -13.13 -8.43 -22.00
CA SER B 242 -13.13 -9.49 -20.99
C SER B 242 -11.92 -9.42 -20.06
N PHE B 243 -12.10 -9.83 -18.82
CA PHE B 243 -11.07 -9.73 -17.82
C PHE B 243 -11.50 -10.51 -16.61
N ASN B 244 -10.58 -10.71 -15.67
CA ASN B 244 -10.90 -11.46 -14.48
C ASN B 244 -10.89 -10.57 -13.26
N CYS B 245 -11.99 -10.61 -12.50
CA CYS B 245 -12.15 -9.76 -11.33
C CYS B 245 -12.57 -10.63 -10.15
N ARG B 246 -11.71 -10.72 -9.15
CA ARG B 246 -12.02 -11.47 -7.93
C ARG B 246 -12.22 -12.97 -8.20
N GLY B 247 -11.62 -13.48 -9.27
CA GLY B 247 -11.86 -14.84 -9.70
C GLY B 247 -12.91 -14.96 -10.80
N GLU B 248 -13.80 -13.99 -10.86
CA GLU B 248 -14.89 -14.04 -11.82
C GLU B 248 -14.53 -13.52 -13.22
N PHE B 249 -15.14 -14.15 -14.23
CA PHE B 249 -14.88 -13.80 -15.63
C PHE B 249 -15.92 -12.81 -16.12
N PHE B 250 -15.45 -11.61 -16.46
CA PHE B 250 -16.34 -10.51 -16.74
C PHE B 250 -16.34 -10.24 -18.22
N TYR B 251 -17.53 -10.15 -18.80
CA TYR B 251 -17.63 -9.78 -20.21
C TYR B 251 -18.45 -8.51 -20.37
N CYS B 252 -17.83 -7.46 -20.86
CA CYS B 252 -18.47 -6.16 -20.86
C CYS B 252 -18.54 -5.52 -22.24
N ASN B 253 -19.77 -5.19 -22.64
CA ASN B 253 -20.07 -4.59 -23.92
C ASN B 253 -19.49 -3.19 -24.00
N THR B 254 -18.53 -3.00 -24.90
CA THR B 254 -17.87 -1.72 -25.04
C THR B 254 -18.42 -0.87 -26.19
N THR B 255 -19.54 -1.29 -26.78
CA THR B 255 -20.24 -0.51 -27.81
C THR B 255 -20.24 0.97 -27.45
N GLN B 256 -20.61 1.26 -26.20
CA GLN B 256 -20.78 2.65 -25.77
C GLN B 256 -19.50 3.47 -25.70
N LEU B 257 -18.34 2.81 -25.70
CA LEU B 257 -17.07 3.52 -25.63
C LEU B 257 -16.52 3.79 -27.02
N PHE B 258 -17.05 3.06 -28.01
CA PHE B 258 -16.54 3.18 -29.38
C PHE B 258 -17.67 3.53 -30.34
N ASN B 259 -18.52 4.44 -29.89
CA ASN B 259 -19.51 5.10 -30.73
C ASN B 259 -19.06 6.53 -31.02
N ASN B 260 -18.67 6.79 -32.26
CA ASN B 260 -18.17 8.09 -32.68
C ASN B 260 -19.11 9.25 -32.39
N THR B 261 -20.30 8.92 -31.91
CA THR B 261 -21.35 9.89 -31.56
C THR B 261 -20.81 11.11 -30.83
N CYS B 262 -19.88 10.90 -29.91
CA CYS B 262 -19.33 11.97 -29.11
C CYS B 262 -17.89 12.34 -29.51
N ILE B 263 -17.67 12.38 -30.82
CA ILE B 263 -16.39 12.80 -31.38
C ILE B 263 -16.58 13.90 -32.42
N ASN B 272 -20.60 12.55 -23.04
CA ASN B 272 -21.13 13.51 -22.08
C ASN B 272 -20.91 13.17 -20.60
N GLY B 273 -21.73 12.28 -20.05
CA GLY B 273 -21.68 12.00 -18.62
C GLY B 273 -21.12 10.64 -18.22
N THR B 274 -21.46 10.16 -17.01
CA THR B 274 -21.09 8.81 -16.61
C THR B 274 -21.63 7.74 -17.58
N ILE B 275 -20.69 7.11 -18.30
CA ILE B 275 -20.96 6.00 -19.19
C ILE B 275 -21.13 4.71 -18.40
N THR B 276 -22.21 3.99 -18.63
CA THR B 276 -22.42 2.71 -17.95
C THR B 276 -22.45 1.56 -18.93
N LEU B 277 -21.42 0.72 -18.85
CA LEU B 277 -21.35 -0.48 -19.68
C LEU B 277 -22.04 -1.64 -18.97
N PRO B 278 -22.78 -2.48 -19.73
CA PRO B 278 -23.39 -3.69 -19.17
C PRO B 278 -22.43 -4.87 -19.27
N CYS B 279 -22.40 -5.73 -18.25
CA CYS B 279 -21.42 -6.82 -18.20
C CYS B 279 -22.06 -8.13 -17.82
N LYS B 280 -21.42 -9.23 -18.23
CA LYS B 280 -21.84 -10.54 -17.77
C LYS B 280 -20.69 -11.25 -17.07
N ILE B 281 -21.05 -11.98 -16.01
CA ILE B 281 -20.12 -12.91 -15.42
C ILE B 281 -20.34 -14.28 -16.05
N LYS B 282 -19.47 -14.63 -17.00
CA LYS B 282 -19.62 -15.89 -17.72
C LYS B 282 -18.86 -17.04 -17.06
N GLN B 283 -19.45 -18.22 -17.12
CA GLN B 283 -18.84 -19.41 -16.54
C GLN B 283 -18.18 -20.21 -17.66
N ILE B 284 -18.78 -20.14 -18.84
CA ILE B 284 -18.22 -20.82 -20.01
C ILE B 284 -17.33 -19.87 -20.82
N ILE B 285 -16.07 -20.24 -21.01
CA ILE B 285 -15.17 -19.33 -21.66
C ILE B 285 -14.26 -20.02 -22.68
N ASN B 286 -13.86 -19.28 -23.70
CA ASN B 286 -12.74 -19.69 -24.54
C ASN B 286 -11.44 -19.37 -23.84
N MET B 287 -10.64 -20.41 -23.58
CA MET B 287 -9.38 -20.28 -22.88
C MET B 287 -8.37 -19.44 -23.64
N TRP B 288 -7.75 -18.49 -22.94
CA TRP B 288 -6.72 -17.64 -23.54
C TRP B 288 -5.41 -18.38 -23.82
N GLN B 289 -5.19 -19.48 -23.10
N GLN B 289 -5.22 -19.51 -23.14
CA GLN B 289 -3.99 -20.29 -23.25
CA GLN B 289 -4.04 -20.36 -23.35
C GLN B 289 -4.09 -21.19 -24.49
C GLN B 289 -4.06 -21.10 -24.70
N GLY B 290 -5.16 -21.03 -25.24
N GLY B 290 -5.26 -21.36 -25.25
CA GLY B 290 -5.36 -21.75 -26.49
CA GLY B 290 -5.38 -21.94 -26.57
C GLY B 290 -5.73 -23.21 -26.29
C GLY B 290 -6.35 -23.10 -26.74
N THR B 291 -5.97 -23.59 -25.03
N THR B 291 -7.01 -23.13 -27.89
CA THR B 291 -6.23 -24.98 -24.70
CA THR B 291 -7.91 -24.22 -28.29
C THR B 291 -7.73 -25.28 -24.67
C THR B 291 -9.11 -24.48 -27.39
N GLY B 292 -8.43 -24.99 -25.76
N GLY B 292 -8.86 -24.70 -26.10
CA GLY B 292 -9.86 -25.24 -25.86
CA GLY B 292 -9.87 -25.19 -25.18
C GLY B 292 -10.72 -24.29 -25.05
C GLY B 292 -10.97 -24.23 -24.76
N GLN B 293 -11.81 -24.81 -24.49
N GLN B 293 -12.03 -24.80 -24.21
CA GLN B 293 -12.74 -23.99 -23.71
CA GLN B 293 -13.23 -24.07 -23.83
C GLN B 293 -13.00 -24.62 -22.35
C GLN B 293 -13.73 -24.63 -22.50
N ALA B 294 -13.58 -23.84 -21.44
CA ALA B 294 -13.82 -24.31 -20.08
C ALA B 294 -15.03 -23.71 -19.38
N MET B 295 -15.52 -24.44 -18.36
CA MET B 295 -16.74 -24.07 -17.66
C MET B 295 -16.50 -23.96 -16.16
N TYR B 296 -16.72 -22.78 -15.61
CA TYR B 296 -16.56 -22.56 -14.17
C TYR B 296 -17.87 -22.59 -13.39
N ALA B 297 -17.75 -22.50 -12.07
CA ALA B 297 -18.89 -22.52 -11.16
C ALA B 297 -19.61 -21.17 -11.12
N PRO B 298 -20.86 -21.15 -10.62
CA PRO B 298 -21.61 -19.89 -10.49
C PRO B 298 -20.95 -18.93 -9.51
N PRO B 299 -21.04 -17.62 -9.79
CA PRO B 299 -20.28 -16.58 -9.06
C PRO B 299 -20.40 -16.60 -7.53
N ILE B 300 -19.48 -15.90 -6.86
CA ILE B 300 -19.49 -15.71 -5.42
C ILE B 300 -20.67 -14.85 -4.96
N ASP B 301 -21.14 -15.08 -3.74
CA ASP B 301 -22.08 -14.18 -3.06
C ASP B 301 -21.46 -12.81 -2.83
N GLY B 302 -22.30 -11.80 -2.66
CA GLY B 302 -21.84 -10.50 -2.21
C GLY B 302 -21.37 -9.57 -3.31
N LYS B 303 -21.15 -8.31 -2.96
CA LYS B 303 -20.68 -7.30 -3.91
C LYS B 303 -19.29 -7.68 -4.47
N ILE B 304 -19.17 -7.59 -5.80
CA ILE B 304 -17.90 -7.85 -6.49
C ILE B 304 -17.49 -6.58 -7.23
N ASN B 305 -16.27 -6.11 -6.97
CA ASN B 305 -15.85 -4.83 -7.53
C ASN B 305 -14.39 -4.80 -7.95
N CYS B 306 -14.15 -4.30 -9.15
CA CYS B 306 -12.80 -4.04 -9.65
C CYS B 306 -12.73 -2.64 -10.23
N VAL B 307 -11.79 -1.85 -9.74
CA VAL B 307 -11.50 -0.55 -10.29
C VAL B 307 -10.11 -0.63 -10.82
N SER B 308 -9.95 -0.34 -12.09
CA SER B 308 -8.64 -0.44 -12.72
C SER B 308 -8.40 0.81 -13.55
N ASN B 309 -7.14 1.08 -13.84
CA ASN B 309 -6.78 2.15 -14.76
C ASN B 309 -6.63 1.63 -16.20
N ILE B 310 -7.39 2.19 -17.12
CA ILE B 310 -7.21 1.85 -18.52
C ILE B 310 -5.94 2.55 -19.01
N THR B 311 -4.89 1.77 -19.24
CA THR B 311 -3.58 2.32 -19.56
C THR B 311 -3.25 2.13 -21.03
N GLY B 312 -4.05 1.34 -21.72
CA GLY B 312 -3.84 1.16 -23.13
C GLY B 312 -5.02 0.54 -23.84
N ILE B 313 -4.92 0.47 -25.17
CA ILE B 313 -5.98 -0.10 -25.99
C ILE B 313 -5.42 -1.06 -27.05
N LEU B 314 -6.15 -2.15 -27.31
CA LEU B 314 -5.82 -3.06 -28.39
C LEU B 314 -6.78 -2.86 -29.56
N LEU B 315 -6.23 -2.68 -30.75
CA LEU B 315 -7.05 -2.37 -31.91
C LEU B 315 -6.74 -3.24 -33.12
N THR B 316 -7.76 -3.44 -33.97
CA THR B 316 -7.57 -3.99 -35.31
C THR B 316 -8.03 -2.95 -36.33
N ARG B 317 -7.25 -2.78 -37.41
CA ARG B 317 -7.65 -1.82 -38.42
C ARG B 317 -8.36 -2.48 -39.58
N ASP B 318 -9.57 -2.00 -39.86
CA ASP B 318 -10.31 -2.48 -41.02
C ASP B 318 -9.57 -2.11 -42.29
N GLY B 319 -9.13 -3.12 -43.02
CA GLY B 319 -8.49 -2.90 -44.31
C GLY B 319 -9.52 -2.75 -45.42
N GLY B 320 -9.18 -3.26 -46.60
CA GLY B 320 -10.06 -3.21 -47.76
C GLY B 320 -10.63 -1.81 -48.03
N ALA B 321 -9.81 -0.80 -47.73
CA ALA B 321 -10.23 0.60 -47.84
C ALA B 321 -9.08 1.47 -48.34
N ASN B 322 -8.31 0.92 -49.27
CA ASN B 322 -7.19 1.65 -49.87
C ASN B 322 -7.64 2.91 -50.60
N ASN B 323 -8.73 2.79 -51.36
CA ASN B 323 -9.20 3.87 -52.22
C ASN B 323 -10.12 4.88 -51.54
N THR B 324 -10.42 4.66 -50.27
CA THR B 324 -11.39 5.49 -49.55
C THR B 324 -10.74 6.32 -48.44
N SER B 325 -11.29 7.52 -48.20
CA SER B 325 -10.75 8.45 -47.21
C SER B 325 -10.73 7.90 -45.79
N ASN B 326 -11.48 6.83 -45.56
CA ASN B 326 -11.85 6.43 -44.21
C ASN B 326 -11.13 5.18 -43.67
N GLU B 327 -10.75 5.23 -42.40
CA GLU B 327 -10.12 4.10 -41.72
C GLU B 327 -10.92 3.67 -40.50
N THR B 328 -11.21 2.38 -40.40
CA THR B 328 -12.00 1.86 -39.29
C THR B 328 -11.19 1.03 -38.30
N PHE B 329 -11.10 1.53 -37.07
CA PHE B 329 -10.39 0.82 -36.01
C PHE B 329 -11.38 0.23 -35.02
N ARG B 330 -11.11 -0.99 -34.56
CA ARG B 330 -12.01 -1.68 -33.67
C ARG B 330 -11.26 -2.20 -32.45
N PRO B 331 -11.98 -2.37 -31.32
CA PRO B 331 -11.32 -3.03 -30.21
C PRO B 331 -10.97 -4.47 -30.58
N GLY B 332 -9.74 -4.88 -30.31
CA GLY B 332 -9.29 -6.21 -30.67
C GLY B 332 -8.62 -6.92 -29.52
N GLY B 333 -7.54 -7.61 -29.83
CA GLY B 333 -6.86 -8.43 -28.84
C GLY B 333 -7.41 -9.84 -28.76
N GLY B 334 -6.85 -10.63 -27.87
CA GLY B 334 -7.21 -12.02 -27.72
C GLY B 334 -5.95 -12.85 -27.63
N ASN B 335 -4.87 -12.35 -28.22
CA ASN B 335 -3.54 -12.94 -28.04
C ASN B 335 -2.86 -12.32 -26.82
N ILE B 336 -2.91 -13.02 -25.70
CA ILE B 336 -2.47 -12.46 -24.44
C ILE B 336 -0.97 -12.13 -24.44
N LYS B 337 -0.24 -12.66 -25.42
CA LYS B 337 1.18 -12.34 -25.61
C LYS B 337 1.37 -10.84 -25.84
N ASP B 338 0.44 -10.22 -26.55
CA ASP B 338 0.55 -8.78 -26.79
C ASP B 338 0.42 -7.96 -25.51
N ASN B 339 -0.42 -8.41 -24.57
CA ASN B 339 -0.51 -7.73 -23.27
C ASN B 339 0.86 -7.62 -22.60
N TRP B 340 1.69 -8.66 -22.72
CA TRP B 340 3.01 -8.62 -22.14
C TRP B 340 3.90 -7.67 -22.94
N ARG B 341 3.71 -7.67 -24.25
CA ARG B 341 4.51 -6.81 -25.14
C ARG B 341 4.39 -5.32 -24.82
N SER B 342 3.18 -4.89 -24.47
CA SER B 342 2.93 -3.48 -24.20
C SER B 342 3.69 -3.03 -22.99
N GLU B 343 3.92 -3.96 -22.06
CA GLU B 343 4.74 -3.68 -20.89
C GLU B 343 6.23 -3.93 -21.14
N LEU B 344 6.55 -4.83 -22.07
CA LEU B 344 7.95 -5.24 -22.28
C LEU B 344 8.64 -4.56 -23.45
N TYR B 345 7.91 -3.67 -24.11
CA TYR B 345 8.35 -3.06 -25.36
C TYR B 345 9.71 -2.37 -25.27
N LYS B 346 10.20 -2.10 -24.06
CA LYS B 346 11.43 -1.32 -23.91
C LYS B 346 12.66 -2.12 -23.42
N TYR B 347 12.52 -3.43 -23.32
CA TYR B 347 13.61 -4.25 -22.82
C TYR B 347 14.09 -5.28 -23.84
N LYS B 348 15.36 -5.62 -23.76
CA LYS B 348 15.90 -6.76 -24.50
C LYS B 348 17.11 -7.31 -23.77
N VAL B 349 17.34 -8.61 -23.93
CA VAL B 349 18.45 -9.27 -23.26
C VAL B 349 19.64 -9.34 -24.20
N VAL B 350 20.80 -8.96 -23.68
CA VAL B 350 22.06 -9.09 -24.37
C VAL B 350 23.04 -9.87 -23.48
N GLN B 351 24.05 -10.49 -24.10
CA GLN B 351 25.03 -11.30 -23.37
C GLN B 351 26.38 -10.60 -23.22
N ILE B 352 26.89 -10.55 -21.99
CA ILE B 352 28.25 -10.06 -21.71
C ILE B 352 29.31 -11.02 -22.28
N GLU B 353 30.09 -10.55 -23.25
CA GLU B 353 31.07 -11.40 -23.92
C GLU B 353 32.50 -11.16 -23.41
N01 1C1 C . -10.62 0.12 30.83
C02 1C1 C . -10.19 -0.71 29.95
N03 1C1 C . -8.74 -0.86 29.74
C04 1C1 C . -8.26 -1.78 28.72
C05 1C1 C . -7.50 -1.06 27.61
C06 1C1 C . -6.88 -2.08 26.72
C07 1C1 C . -7.52 -1.85 25.36
C08 1C1 C . -7.31 -2.62 24.09
C09 1C1 C . -8.02 -2.19 22.96
C10 1C1 C . -8.90 -1.09 22.96
C11 1C1 C . -9.10 -0.34 24.16
C12 1C1 C . -8.37 -0.78 25.39
C13 1C1 C . -8.36 -0.19 26.79
N14 1C1 C . -7.72 1.12 26.68
C15 1C1 C . -8.30 2.30 27.30
O16 1C1 C . -9.05 2.16 28.24
C17 1C1 C . -7.62 3.60 27.01
O18 1C1 C . -6.64 3.57 26.25
N19 1C1 C . -7.97 4.77 27.81
C20 1C1 C . -7.08 5.89 28.05
C21 1C1 C . -6.31 6.32 27.07
C22 1C1 C . -5.66 7.55 27.08
F23 1C1 C . -4.88 8.02 26.11
C24 1C1 C . -5.90 8.33 28.27
CL1 1C1 C . -5.08 9.84 28.30
C26 1C1 C . -6.71 7.84 29.31
C27 1C1 C . -7.29 6.60 29.16
N28 1C1 C . -11.04 -1.43 29.21
N1 EPE D . 12.70 0.16 38.61
C2 EPE D . 12.57 1.39 37.84
C3 EPE D . 13.00 1.08 36.41
N4 EPE D . 12.48 -0.16 35.86
C5 EPE D . 12.35 -1.30 36.76
C6 EPE D . 11.76 -0.86 38.09
C7 EPE D . 12.75 -0.41 34.45
C8 EPE D . 11.69 -1.17 33.66
O8 EPE D . 11.54 -2.52 34.09
C9 EPE D . 12.45 0.37 40.04
C10 EPE D . 13.56 1.26 40.57
S EPE D . 13.53 1.27 42.36
O1S EPE D . 13.71 -0.09 42.87
O2S EPE D . 12.21 1.72 42.80
O3S EPE D . 14.61 2.08 42.87
C1 NAG E . 9.10 -5.74 7.08
C2 NAG E . 7.71 -6.04 6.52
C3 NAG E . 7.51 -7.55 6.36
C4 NAG E . 8.71 -8.23 5.70
C5 NAG E . 10.04 -7.79 6.31
C6 NAG E . 11.15 -8.48 5.53
C7 NAG E . 5.85 -4.47 7.01
C8 NAG E . 4.71 -4.17 7.92
N2 NAG E . 6.68 -5.46 7.37
O3 NAG E . 6.37 -7.80 5.57
O4 NAG E . 8.62 -9.63 5.86
O5 NAG E . 10.13 -6.38 6.34
O6 NAG E . 12.34 -7.73 5.55
O7 NAG E . 6.01 -3.79 6.00
C1 NAG F . 4.44 17.62 23.97
C2 NAG F . 3.59 17.65 25.26
C3 NAG F . 3.31 19.09 25.74
C4 NAG F . 4.57 19.95 25.74
C5 NAG F . 5.32 19.81 24.43
C6 NAG F . 6.63 20.57 24.49
C7 NAG F . 1.72 16.06 25.69
C8 NAG F . 0.40 15.61 25.15
N2 NAG F . 2.35 16.98 24.95
O3 NAG F . 2.78 19.09 27.05
O4 NAG F . 4.25 21.31 25.95
O5 NAG F . 5.57 18.44 24.13
O6 NAG F . 7.50 19.94 25.40
O7 NAG F . 2.15 15.59 26.75
C1 NAG G . -1.32 -12.79 8.85
C2 NAG G . -0.89 -14.22 9.18
C3 NAG G . -1.68 -15.31 8.43
C4 NAG G . -3.12 -14.95 8.14
C5 NAG G . -3.34 -13.48 7.82
C6 NAG G . -4.82 -13.14 7.82
C7 NAG G . 1.36 -15.00 9.63
C8 NAG G . 2.81 -14.90 9.26
N2 NAG G . 0.51 -14.36 8.84
O3 NAG G . -1.68 -16.48 9.22
O4 NAG G . -3.54 -15.68 7.01
O5 NAG G . -2.73 -12.69 8.82
O6 NAG G . -5.36 -13.62 9.03
O7 NAG G . 0.98 -15.62 10.62
C1 NAG H . 8.47 11.53 3.75
C2 NAG H . 9.35 12.46 2.92
C3 NAG H . 8.98 12.52 1.44
C4 NAG H . 8.65 11.15 0.89
C5 NAG H . 7.69 10.42 1.79
C6 NAG H . 7.48 9.03 1.23
C7 NAG H . 10.24 14.35 4.11
C8 NAG H . 9.89 15.45 5.07
N2 NAG H . 9.22 13.80 3.46
O3 NAG H . 10.04 13.07 0.68
O4 NAG H . 8.03 11.32 -0.36
O5 NAG H . 8.24 10.31 3.09
O6 NAG H . 6.71 8.30 2.13
O7 NAG H . 11.41 13.97 3.95
C1 NAG I . -1.96 27.95 20.62
C2 NAG I . -0.98 29.12 20.50
C3 NAG I . -1.23 30.05 21.67
C4 NAG I . -2.60 30.71 21.49
C5 NAG I . -3.68 29.73 21.00
C6 NAG I . -4.32 30.28 19.72
C7 NAG I . 1.02 28.31 19.37
C8 NAG I . 2.40 27.76 19.56
N2 NAG I . 0.39 28.64 20.50
O3 NAG I . -0.23 31.06 21.76
O4 NAG I . -2.96 31.36 22.71
O5 NAG I . -3.31 28.37 20.74
O6 NAG I . -5.58 29.66 19.49
O7 NAG I . 0.51 28.43 18.25
C1 NAG J . 0.31 26.44 7.49
C2 NAG J . 1.13 27.72 7.77
C3 NAG J . 1.80 28.34 6.53
C4 NAG J . 2.40 27.28 5.65
C5 NAG J . 1.32 26.27 5.32
C6 NAG J . 1.89 25.21 4.40
C7 NAG J . 0.68 29.11 9.68
C8 NAG J . 0.22 28.25 10.82
N2 NAG J . 0.34 28.71 8.46
O3 NAG J . 2.84 29.21 6.97
O4 NAG J . 2.92 27.83 4.45
O5 NAG J . 0.92 25.63 6.51
O6 NAG J . 2.51 24.24 5.22
O7 NAG J . 1.35 30.12 9.89
C1 NAG K . 1.49 0.74 -8.30
C2 NAG K . 2.19 -0.62 -8.33
C3 NAG K . 3.57 -0.52 -8.95
C4 NAG K . 3.49 0.13 -10.31
C5 NAG K . 2.74 1.45 -10.29
C6 NAG K . 2.36 1.72 -11.74
C7 NAG K . 1.89 -2.12 -6.41
C8 NAG K . 0.73 -2.75 -7.11
N2 NAG K . 2.40 -1.06 -6.99
O3 NAG K . 4.06 -1.81 -9.17
O4 NAG K . 4.81 0.35 -10.78
O5 NAG K . 1.57 1.46 -9.50
O6 NAG K . 1.44 2.78 -11.74
O7 NAG K . 2.30 -2.57 -5.35
C1 NAG L . -17.37 13.86 16.05
C2 NAG L . -18.40 12.84 16.52
C3 NAG L . -19.38 12.58 15.39
C4 NAG L . -20.00 13.91 14.97
C5 NAG L . -18.86 14.85 14.56
C6 NAG L . -19.36 16.19 14.00
C7 NAG L . -17.90 11.24 18.28
C8 NAG L . -16.89 10.24 18.81
N2 NAG L . -17.73 11.64 17.02
O3 NAG L . -20.39 11.66 15.80
O4 NAG L . -20.90 13.73 13.90
O5 NAG L . -17.98 15.06 15.65
O6 NAG L . -19.57 16.05 12.62
O7 NAG L . -18.83 11.63 19.00
N01 1C1 M . -9.86 -19.86 -29.40
C02 1C1 M . -9.42 -20.19 -28.18
N03 1C1 M . -8.12 -19.72 -27.70
C04 1C1 M . -7.15 -19.07 -28.59
C05 1C1 M . -6.82 -17.64 -28.17
C06 1C1 M . -5.59 -17.24 -28.90
C07 1C1 M . -6.04 -16.09 -29.81
C08 1C1 M . -5.26 -15.36 -30.85
C09 1C1 M . -5.90 -14.34 -31.57
C10 1C1 M . -7.23 -13.98 -31.35
C11 1C1 M . -8.00 -14.67 -30.37
C12 1C1 M . -7.34 -15.78 -29.59
C13 1C1 M . -7.91 -16.67 -28.49
N14 1C1 M . -8.31 -15.82 -27.36
C15 1C1 M . -9.10 -16.22 -26.20
O16 1C1 M . -9.93 -17.10 -26.28
C17 1C1 M . -9.17 -15.26 -25.05
O18 1C1 M . -8.49 -14.22 -25.14
N19 1C1 M . -9.59 -15.82 -23.76
C20 1C1 M . -9.89 -15.07 -22.56
C21 1C1 M . -9.48 -13.83 -22.42
C22 1C1 M . -9.56 -13.14 -21.21
F23 1C1 M . -9.16 -11.88 -21.10
C24 1C1 M . -10.13 -13.87 -20.08
CL1 1C1 M . -10.27 -13.10 -18.50
C26 1C1 M . -10.53 -15.21 -20.27
C27 1C1 M . -10.40 -15.76 -21.54
N28 1C1 M . -10.16 -20.93 -27.43
C1 NAG N . 8.27 4.35 -36.14
C2 NAG N . 9.42 3.53 -36.69
C3 NAG N . 9.01 2.57 -37.81
C4 NAG N . 7.70 1.84 -37.53
C5 NAG N . 6.66 2.72 -36.85
C6 NAG N . 5.53 1.84 -36.33
C7 NAG N . 11.63 4.54 -36.61
C8 NAG N . 12.66 3.59 -37.12
N2 NAG N . 10.44 4.44 -37.19
O3 NAG N . 10.01 1.60 -38.03
O4 NAG N . 7.15 1.37 -38.75
O5 NAG N . 7.19 3.50 -35.79
O6 NAG N . 4.71 2.58 -35.47
O7 NAG N . 11.88 5.34 -35.71
C1 NAG O . -6.27 -3.08 -10.78
C2 NAG O . -7.06 -4.39 -10.72
C3 NAG O . -8.12 -4.37 -9.66
C4 NAG O . -7.54 -3.94 -8.32
C5 NAG O . -6.65 -2.72 -8.46
C6 NAG O . -5.94 -2.44 -7.14
C7 NAG O . -7.63 -6.04 -12.39
C8 NAG O . -8.20 -6.30 -13.74
N2 NAG O . -7.67 -4.77 -11.97
O3 NAG O . -8.62 -5.67 -9.53
O4 NAG O . -8.61 -3.63 -7.46
O5 NAG O . -5.69 -2.91 -9.49
O6 NAG O . -4.76 -3.20 -7.04
O7 NAG O . -7.17 -6.95 -11.71
C1 NAG P . 4.04 -3.99 -44.21
C2 NAG P . 5.12 -4.90 -44.78
C3 NAG P . 5.18 -4.84 -46.31
C4 NAG P . 3.80 -5.05 -46.90
C5 NAG P . 2.79 -4.09 -46.27
C6 NAG P . 1.39 -4.37 -46.79
C7 NAG P . 7.12 -5.40 -43.47
C8 NAG P . 7.35 -5.01 -42.04
N2 NAG P . 6.41 -4.54 -44.22
O3 NAG P . 6.07 -5.81 -46.82
O4 NAG P . 3.83 -4.83 -48.30
O5 NAG P . 2.80 -4.20 -44.86
O6 NAG P . 0.88 -5.57 -46.23
O7 NAG P . 7.55 -6.47 -43.92
C1 NAG Q . -1.18 12.94 -24.15
C2 NAG Q . -0.98 14.32 -23.53
C3 NAG Q . -1.36 15.47 -24.46
C4 NAG Q . -0.63 15.29 -25.77
C5 NAG Q . -0.99 13.93 -26.36
C6 NAG Q . -0.27 13.73 -27.70
C7 NAG Q . -0.88 14.45 -21.15
C8 NAG Q . -1.55 14.29 -19.81
N2 NAG Q . -1.64 14.42 -22.23
O3 NAG Q . -0.97 16.71 -23.91
O4 NAG Q . -0.91 16.36 -26.65
O5 NAG Q . -0.63 12.90 -25.46
O6 NAG Q . -0.72 12.57 -28.37
O7 NAG Q . 0.35 14.58 -21.23
C1 NAG R . -17.11 2.60 -8.20
C2 NAG R . -17.15 3.42 -6.91
C3 NAG R . -17.87 2.59 -5.86
C4 NAG R . -19.29 2.34 -6.38
C5 NAG R . -19.21 1.61 -7.72
C6 NAG R . -20.58 1.39 -8.34
C7 NAG R . -14.87 4.42 -7.17
C8 NAG R . -13.45 4.15 -6.71
N2 NAG R . -15.85 3.89 -6.41
O3 NAG R . -17.90 3.23 -4.59
O4 NAG R . -20.03 1.57 -5.46
O5 NAG R . -18.42 2.33 -8.64
O6 NAG R . -21.11 2.64 -8.77
O7 NAG R . -15.09 5.08 -8.18
C1 NAG S . -23.39 -4.50 -27.26
C2 NAG S . -23.97 -5.76 -27.90
C3 NAG S . -24.87 -5.44 -29.09
C4 NAG S . -25.85 -4.32 -28.74
C5 NAG S . -25.03 -3.13 -28.24
C6 NAG S . -25.89 -1.89 -28.02
C7 NAG S . -22.77 -7.85 -27.88
C8 NAG S . -21.39 -8.45 -27.91
N2 NAG S . -22.88 -6.62 -28.33
O3 NAG S . -25.56 -6.62 -29.47
O4 NAG S . -26.64 -3.92 -29.85
O5 NAG S . -24.37 -3.50 -27.05
O6 NAG S . -27.00 -2.23 -27.23
O7 NAG S . -23.73 -8.49 -27.46
C1 NAG T . 17.52 9.81 -20.97
C2 NAG T . 16.53 10.89 -20.50
C3 NAG T . 16.51 11.06 -18.98
C4 NAG T . 16.42 9.71 -18.28
C5 NAG T . 17.53 8.81 -18.79
C6 NAG T . 17.54 7.46 -18.06
C7 NAG T . 15.89 12.86 -21.80
C8 NAG T . 16.13 14.33 -21.99
N2 NAG T . 16.82 12.18 -21.12
O3 NAG T . 15.40 11.86 -18.61
O4 NAG T . 16.54 9.89 -16.88
O5 NAG T . 17.38 8.63 -20.19
O6 NAG T . 18.78 6.80 -18.24
O7 NAG T . 14.88 12.34 -22.26
C1 NAG U . -4.83 4.50 -11.08
C2 NAG U . -4.08 3.76 -9.97
C3 NAG U . -3.95 4.63 -8.74
C4 NAG U . -3.35 5.99 -9.10
C5 NAG U . -4.14 6.63 -10.24
C6 NAG U . -3.51 7.93 -10.71
C7 NAG U . -4.18 1.30 -9.71
C8 NAG U . -2.69 1.25 -9.98
N2 NAG U . -4.76 2.51 -9.66
O3 NAG U . -3.13 3.97 -7.79
O4 NAG U . -3.34 6.83 -7.96
O5 NAG U . -4.22 5.76 -11.34
O6 NAG U . -4.12 8.35 -11.91
O7 NAG U . -4.82 0.27 -9.55
N1 EPE V . 10.97 -20.24 -13.41
C2 EPE V . 10.35 -19.05 -12.81
C3 EPE V . 10.60 -17.81 -13.67
N4 EPE V . 10.54 -18.04 -15.10
C5 EPE V . 10.76 -19.38 -15.65
C6 EPE V . 10.36 -20.51 -14.72
C7 EPE V . 10.92 -16.95 -15.96
C8 EPE V . 10.49 -17.23 -17.41
O8 EPE V . 11.63 -17.12 -18.23
C9 EPE V . 10.79 -21.43 -12.59
C10 EPE V . 11.08 -21.12 -11.12
S EPE V . 11.23 -22.68 -10.23
O1S EPE V . 12.03 -23.59 -11.04
O2S EPE V . 9.90 -23.26 -10.04
O3S EPE V . 11.85 -22.47 -8.93
#